data_7K8G
#
_entry.id   7K8G
#
_cell.length_a   175.511
_cell.length_b   175.511
_cell.length_c   86.657
_cell.angle_alpha   90.00
_cell.angle_beta   90.00
_cell.angle_gamma   120.00
#
_symmetry.space_group_name_H-M   'P 65'
#
loop_
_entity.id
_entity.type
_entity.pdbx_description
1 polymer 'Retinoid isomerohydrolase'
2 non-polymer 'FE (II) ION'
3 non-polymer 'PALMITIC ACID'
4 non-polymer (1R)-3-amino-1-{4-fluoro-3-[(2-propylpentyl)oxy]phenyl}propan-1-ol
5 water water
#
_entity_poly.entity_id   1
_entity_poly.type   'polypeptide(L)'
_entity_poly.pdbx_seq_one_letter_code
;(ACE)SSQVEHPAGGYKKLFETVEELSSPLTAHVTGRIPLWLTGSLLRCGPGLFEVGSEPFYHLFDGQALLHKFDFKEGH
VTYHRRFIRTDAYVRAMTEKRIVITEFGTCAFPDPCKNIFSRFFSYFRGVEVTDNALVNIYPVGEDYYACTETNFITKVN
PETLETIKQVDLCNYVSVNGATAHPHIENDGTVYNIGNCFGKNFSIAYNIVKIPPLQADKEDPISKSEIVVQFPCSDRFK
PSYVHSFGLTPNYIVFVETPVKINLFKFLSSWSLWGANYMDCFESNETMGVWLHIADKKRKKYINNKYRTSPFNLFHHIN
TYEDHEFLIVDLCCWKGFEFVYNYLYLANLRENWEEVKKNARKAPQPEVRRYVLPLNIDKADTGKNLVTLPNTTATAILC
SDETIWLEPEVLFSGPRQAFEFPQINYQKYGGKPYTYAYGLGLNHFVPDRLCKLNVKTKETWVWQEPDSYPSEPIFVSHP
DALEEDDGVVLSVVVSPGAGQKPAYLLILNAKDLSEVARAEVEINIPVTFHGLFKKS
;
_entity_poly.pdbx_strand_id   A,B
#
loop_
_chem_comp.id
_chem_comp.type
_chem_comp.name
_chem_comp.formula
ACE non-polymer 'ACETYL GROUP' 'C2 H4 O'
FE2 non-polymer 'FE (II) ION' 'Fe 2'
PLM non-polymer 'PALMITIC ACID' 'C16 H32 O2'
W9A non-polymer (1R)-3-amino-1-{4-fluoro-3-[(2-propylpentyl)oxy]phenyl}propan-1-ol 'C17 H28 F N O2'
#
# COMPACT_ATOMS: atom_id res chain seq x y z
N SER A 3 1.88 20.78 -3.78
CA SER A 3 2.64 20.70 -2.49
C SER A 3 1.69 20.99 -1.32
N GLN A 4 2.26 21.16 -0.11
CA GLN A 4 1.53 21.40 1.17
C GLN A 4 0.64 22.64 1.04
N VAL A 5 -0.66 22.51 1.34
CA VAL A 5 -1.61 23.65 1.52
C VAL A 5 -1.48 24.14 2.98
N GLU A 6 -1.31 25.45 3.16
CA GLU A 6 -1.04 26.09 4.48
C GLU A 6 -2.27 26.88 4.93
N HIS A 7 -2.45 27.01 6.26
CA HIS A 7 -3.59 27.70 6.91
C HIS A 7 -3.07 28.64 8.00
N PRO A 8 -2.13 29.57 7.69
CA PRO A 8 -1.53 30.43 8.69
C PRO A 8 -2.53 31.34 9.42
N ALA A 9 -3.60 31.77 8.73
CA ALA A 9 -4.65 32.68 9.26
C ALA A 9 -5.41 32.02 10.42
N GLY A 10 -5.43 30.68 10.46
CA GLY A 10 -5.95 29.90 11.60
C GLY A 10 -7.46 29.94 11.70
N GLY A 11 -8.16 30.07 10.55
CA GLY A 11 -9.63 30.17 10.47
C GLY A 11 -10.34 28.93 11.01
N TYR A 12 -9.67 27.77 10.98
CA TYR A 12 -10.21 26.45 11.43
C TYR A 12 -10.62 26.51 12.91
N LYS A 13 -10.07 27.45 13.69
CA LYS A 13 -10.39 27.64 15.13
C LYS A 13 -11.91 27.87 15.32
N LYS A 14 -12.58 28.46 14.32
CA LYS A 14 -14.04 28.77 14.36
C LYS A 14 -14.87 27.47 14.36
N LEU A 15 -14.32 26.35 13.90
CA LEU A 15 -14.96 25.01 13.97
C LEU A 15 -15.22 24.62 15.43
N PHE A 16 -14.42 25.15 16.36
CA PHE A 16 -14.39 24.73 17.79
C PHE A 16 -14.78 25.90 18.70
N GLU A 17 -15.54 26.86 18.17
CA GLU A 17 -16.02 28.06 18.90
C GLU A 17 -17.53 27.93 19.16
N THR A 18 -17.95 28.16 20.40
CA THR A 18 -19.37 28.13 20.84
C THR A 18 -20.21 29.04 19.94
N VAL A 19 -21.44 28.63 19.65
CA VAL A 19 -22.47 29.46 18.94
C VAL A 19 -23.77 29.40 19.76
N GLU A 20 -24.69 30.34 19.50
CA GLU A 20 -26.06 30.33 20.05
C GLU A 20 -27.00 29.66 19.03
N GLU A 21 -27.98 28.90 19.52
CA GLU A 21 -29.06 28.32 18.68
C GLU A 21 -29.95 29.45 18.16
N LEU A 22 -30.75 29.17 17.12
CA LEU A 22 -31.73 30.12 16.54
C LEU A 22 -33.11 29.84 17.12
N SER A 23 -33.99 30.84 17.14
CA SER A 23 -35.41 30.72 17.56
C SER A 23 -36.24 30.14 16.40
N SER A 24 -35.94 30.56 15.16
CA SER A 24 -36.60 30.10 13.91
C SER A 24 -35.58 30.09 12.77
N PRO A 25 -35.85 29.36 11.65
CA PRO A 25 -34.92 29.30 10.53
C PRO A 25 -34.60 30.67 9.90
N LEU A 26 -33.34 30.85 9.46
CA LEU A 26 -32.86 32.01 8.67
C LEU A 26 -32.92 31.67 7.19
N THR A 27 -33.21 32.65 6.34
CA THR A 27 -33.10 32.56 4.86
C THR A 27 -31.62 32.74 4.48
N ALA A 28 -31.07 31.79 3.72
CA ALA A 28 -29.67 31.81 3.25
C ALA A 28 -29.60 32.47 1.87
N HIS A 29 -28.57 33.30 1.63
CA HIS A 29 -28.33 33.98 0.33
C HIS A 29 -27.75 32.97 -0.65
N VAL A 30 -28.47 32.69 -1.74
CA VAL A 30 -28.09 31.68 -2.78
C VAL A 30 -27.23 32.37 -3.84
N THR A 31 -26.04 31.80 -4.10
CA THR A 31 -25.19 32.09 -5.29
CA THR A 31 -25.21 32.09 -5.30
C THR A 31 -25.18 30.83 -6.17
N GLY A 32 -25.10 31.00 -7.49
CA GLY A 32 -25.29 29.90 -8.46
C GLY A 32 -26.74 29.45 -8.49
N ARG A 33 -26.99 28.17 -8.78
CA ARG A 33 -28.36 27.61 -8.93
C ARG A 33 -28.51 26.33 -8.10
N ILE A 34 -29.34 26.38 -7.05
CA ILE A 34 -29.77 25.19 -6.27
C ILE A 34 -30.64 24.33 -7.19
N PRO A 35 -30.28 23.04 -7.45
CA PRO A 35 -31.11 22.16 -8.27
C PRO A 35 -32.58 22.12 -7.79
N LEU A 36 -33.53 22.23 -8.72
CA LEU A 36 -34.98 22.31 -8.42
C LEU A 36 -35.52 20.92 -8.02
N TRP A 37 -34.80 19.84 -8.34
CA TRP A 37 -35.13 18.46 -7.90
C TRP A 37 -34.67 18.23 -6.45
N LEU A 38 -33.79 19.09 -5.92
CA LEU A 38 -33.28 18.99 -4.53
C LEU A 38 -34.34 19.56 -3.58
N THR A 39 -35.14 18.67 -2.98
CA THR A 39 -36.26 18.98 -2.05
C THR A 39 -36.13 18.10 -0.81
N GLY A 40 -35.85 18.72 0.34
CA GLY A 40 -35.70 18.01 1.63
C GLY A 40 -34.82 18.76 2.60
N SER A 41 -34.29 18.05 3.60
CA SER A 41 -33.54 18.61 4.75
C SER A 41 -32.19 17.90 4.89
N LEU A 42 -31.09 18.67 4.85
CA LEU A 42 -29.76 18.19 5.33
C LEU A 42 -29.72 18.35 6.85
N LEU A 43 -29.81 17.25 7.58
CA LEU A 43 -29.71 17.19 9.06
C LEU A 43 -28.31 16.72 9.44
N ARG A 44 -27.60 17.48 10.28
CA ARG A 44 -26.21 17.19 10.71
C ARG A 44 -26.06 17.48 12.21
N CYS A 45 -25.23 16.70 12.89
CA CYS A 45 -24.95 16.81 14.35
C CYS A 45 -23.48 17.18 14.58
N GLY A 46 -23.23 18.00 15.59
CA GLY A 46 -21.88 18.42 16.01
C GLY A 46 -21.92 19.08 17.39
N PRO A 47 -20.74 19.33 18.01
CA PRO A 47 -20.68 20.13 19.23
C PRO A 47 -20.98 21.60 18.90
N GLY A 48 -21.72 22.27 19.78
CA GLY A 48 -22.11 23.69 19.63
C GLY A 48 -21.72 24.54 20.83
N LEU A 49 -21.58 23.93 22.00
CA LEU A 49 -21.22 24.59 23.29
C LEU A 49 -19.98 23.90 23.86
N PHE A 50 -18.82 24.58 23.84
CA PHE A 50 -17.49 24.02 24.16
C PHE A 50 -17.05 24.43 25.57
N GLU A 51 -17.93 25.09 26.33
CA GLU A 51 -17.70 25.42 27.77
C GLU A 51 -19.05 25.74 28.42
N VAL A 52 -19.20 25.38 29.71
CA VAL A 52 -20.36 25.76 30.57
C VAL A 52 -19.86 26.83 31.54
N GLY A 53 -20.09 28.11 31.20
CA GLY A 53 -19.56 29.27 31.94
C GLY A 53 -18.05 29.33 31.85
N SER A 54 -17.37 29.13 32.99
CA SER A 54 -15.89 29.16 33.11
C SER A 54 -15.30 27.75 33.06
N GLU A 55 -16.15 26.71 33.09
CA GLU A 55 -15.73 25.28 33.02
C GLU A 55 -15.62 24.85 31.56
N PRO A 56 -14.39 24.53 31.08
CA PRO A 56 -14.19 24.15 29.68
C PRO A 56 -14.41 22.64 29.42
N PHE A 57 -14.86 22.30 28.22
CA PHE A 57 -14.75 20.94 27.62
C PHE A 57 -13.39 20.85 26.95
N TYR A 58 -12.70 19.71 27.07
CA TYR A 58 -11.28 19.52 26.65
C TYR A 58 -11.17 18.84 25.29
N HIS A 59 -12.06 17.88 24.97
CA HIS A 59 -11.95 17.01 23.78
C HIS A 59 -12.96 17.41 22.70
N LEU A 60 -12.64 17.10 21.44
CA LEU A 60 -13.47 17.36 20.24
C LEU A 60 -14.87 16.76 20.41
N PHE A 61 -15.00 15.65 21.14
CA PHE A 61 -16.27 14.87 21.28
C PHE A 61 -16.96 15.16 22.62
N ASP A 62 -16.72 16.35 23.21
CA ASP A 62 -17.24 16.75 24.54
C ASP A 62 -18.33 17.83 24.40
N GLY A 63 -18.18 18.77 23.46
CA GLY A 63 -19.11 19.89 23.23
C GLY A 63 -20.55 19.40 23.13
N GLN A 64 -21.51 20.20 23.61
CA GLN A 64 -22.93 19.79 23.75
C GLN A 64 -23.58 19.72 22.35
N ALA A 65 -24.33 18.65 22.11
CA ALA A 65 -24.94 18.29 20.82
C ALA A 65 -25.76 19.46 20.26
N LEU A 66 -25.45 19.87 19.04
CA LEU A 66 -26.18 20.91 18.26
C LEU A 66 -26.72 20.26 16.98
N LEU A 67 -28.03 20.29 16.78
CA LEU A 67 -28.72 19.73 15.59
C LEU A 67 -28.91 20.84 14.55
N HIS A 68 -28.35 20.65 13.36
CA HIS A 68 -28.36 21.62 12.22
C HIS A 68 -29.33 21.13 11.14
N LYS A 69 -29.98 22.06 10.44
CA LYS A 69 -30.90 21.75 9.30
C LYS A 69 -30.77 22.82 8.22
N PHE A 70 -30.40 22.40 7.01
CA PHE A 70 -30.56 23.19 5.75
C PHE A 70 -31.76 22.61 4.99
N ASP A 71 -32.82 23.40 4.81
CA ASP A 71 -34.04 23.01 4.05
C ASP A 71 -33.91 23.55 2.62
N PHE A 72 -34.18 22.69 1.64
CA PHE A 72 -34.15 23.00 0.19
C PHE A 72 -35.57 22.87 -0.38
N LYS A 73 -36.06 23.92 -1.06
CA LYS A 73 -37.38 23.95 -1.72
C LYS A 73 -37.38 25.02 -2.82
N GLU A 74 -37.66 24.61 -4.06
CA GLU A 74 -37.82 25.50 -5.24
C GLU A 74 -36.60 26.44 -5.38
N GLY A 75 -35.39 25.92 -5.12
CA GLY A 75 -34.12 26.63 -5.32
C GLY A 75 -33.80 27.63 -4.23
N HIS A 76 -34.54 27.59 -3.11
CA HIS A 76 -34.37 28.48 -1.92
C HIS A 76 -33.91 27.63 -0.73
N VAL A 77 -33.10 28.22 0.16
CA VAL A 77 -32.44 27.51 1.30
C VAL A 77 -32.68 28.29 2.59
N THR A 78 -33.09 27.59 3.65
CA THR A 78 -33.15 28.10 5.05
C THR A 78 -32.17 27.30 5.91
N TYR A 79 -31.61 27.94 6.94
CA TYR A 79 -30.73 27.31 7.96
C TYR A 79 -31.36 27.48 9.34
N HIS A 80 -31.37 26.40 10.13
CA HIS A 80 -31.88 26.37 11.52
C HIS A 80 -30.97 25.46 12.36
N ARG A 81 -30.75 25.83 13.62
CA ARG A 81 -30.01 25.00 14.59
C ARG A 81 -30.65 25.12 15.98
N ARG A 82 -30.72 23.99 16.69
CA ARG A 82 -31.23 23.88 18.09
C ARG A 82 -30.33 22.92 18.86
N PHE A 83 -29.92 23.29 20.07
CA PHE A 83 -29.23 22.38 21.02
C PHE A 83 -30.19 21.25 21.38
N ILE A 84 -29.69 20.01 21.40
CA ILE A 84 -30.47 18.81 21.80
C ILE A 84 -30.63 18.85 23.32
N ARG A 85 -31.88 18.82 23.81
CA ARG A 85 -32.20 18.84 25.27
C ARG A 85 -31.94 17.44 25.84
N THR A 86 -30.66 17.05 25.90
CA THR A 86 -30.17 15.82 26.56
C THR A 86 -30.15 16.07 28.07
N ASP A 87 -30.02 15.01 28.88
CA ASP A 87 -29.75 15.11 30.34
C ASP A 87 -28.50 15.98 30.54
N ALA A 88 -27.43 15.71 29.76
CA ALA A 88 -26.13 16.41 29.82
C ALA A 88 -26.35 17.92 29.65
N TYR A 89 -27.09 18.33 28.63
CA TYR A 89 -27.35 19.75 28.29
C TYR A 89 -28.27 20.39 29.34
N VAL A 90 -29.43 19.76 29.59
CA VAL A 90 -30.50 20.26 30.49
C VAL A 90 -29.90 20.52 31.89
N ARG A 91 -29.22 19.52 32.45
CA ARG A 91 -28.63 19.57 33.81
C ARG A 91 -27.50 20.61 33.86
N ALA A 92 -26.79 20.81 32.74
CA ALA A 92 -25.70 21.80 32.61
C ALA A 92 -26.30 23.22 32.66
N MET A 93 -27.42 23.45 31.98
CA MET A 93 -28.12 24.76 31.95
C MET A 93 -28.75 25.03 33.32
N THR A 94 -29.27 23.99 33.98
CA THR A 94 -29.91 24.05 35.33
C THR A 94 -28.87 24.44 36.38
N GLU A 95 -27.77 23.68 36.49
CA GLU A 95 -26.75 23.81 37.56
C GLU A 95 -25.65 24.80 37.16
N LYS A 96 -25.66 25.27 35.90
CA LYS A 96 -24.69 26.26 35.36
C LYS A 96 -23.25 25.75 35.54
N ARG A 97 -23.04 24.45 35.32
CA ARG A 97 -21.72 23.77 35.41
C ARG A 97 -21.76 22.48 34.58
N ILE A 98 -20.63 21.79 34.44
CA ILE A 98 -20.55 20.45 33.78
C ILE A 98 -21.00 19.41 34.81
N VAL A 99 -22.14 18.76 34.56
CA VAL A 99 -22.79 17.80 35.51
C VAL A 99 -22.41 16.37 35.13
N ILE A 100 -22.57 16.02 33.84
CA ILE A 100 -22.29 14.66 33.29
C ILE A 100 -20.86 14.65 32.72
N THR A 101 -20.08 13.61 33.05
CA THR A 101 -18.73 13.38 32.49
C THR A 101 -18.86 13.12 30.99
N GLU A 102 -18.11 13.85 30.17
CA GLU A 102 -18.07 13.69 28.69
C GLU A 102 -16.83 12.87 28.32
N PHE A 103 -16.69 12.51 27.05
CA PHE A 103 -15.63 11.62 26.50
C PHE A 103 -14.28 11.94 27.16
N GLY A 104 -13.85 13.22 27.09
CA GLY A 104 -12.53 13.65 27.58
C GLY A 104 -12.61 14.81 28.57
N THR A 105 -13.73 14.92 29.31
CA THR A 105 -13.93 15.97 30.36
C THR A 105 -14.69 15.36 31.54
N CYS A 106 -13.99 15.17 32.68
N CYS A 106 -13.99 15.17 32.68
CA CYS A 106 -14.58 14.69 33.95
CA CYS A 106 -14.57 14.69 33.95
C CYS A 106 -15.40 15.81 34.58
C CYS A 106 -15.40 15.81 34.58
N ALA A 107 -16.62 15.49 35.04
CA ALA A 107 -17.48 16.39 35.83
C ALA A 107 -17.12 16.25 37.31
N PHE A 108 -17.13 17.34 38.08
CA PHE A 108 -16.84 17.38 39.53
C PHE A 108 -18.02 18.00 40.26
N GLU A 127 -23.33 7.86 35.84
CA GLU A 127 -24.23 8.65 34.95
C GLU A 127 -23.59 8.77 33.56
N VAL A 128 -23.95 7.86 32.65
CA VAL A 128 -23.38 7.77 31.27
C VAL A 128 -23.94 8.93 30.43
N THR A 129 -23.08 9.57 29.63
CA THR A 129 -23.42 10.73 28.77
C THR A 129 -24.43 10.31 27.70
N ASP A 130 -25.39 11.19 27.41
CA ASP A 130 -26.37 11.06 26.30
C ASP A 130 -26.17 12.23 25.33
N ASN A 131 -24.99 12.87 25.38
CA ASN A 131 -24.59 13.99 24.50
C ASN A 131 -24.52 13.47 23.05
N ALA A 132 -25.63 13.59 22.31
CA ALA A 132 -25.85 12.98 20.98
C ALA A 132 -25.30 13.90 19.87
N LEU A 133 -23.98 14.12 19.86
CA LEU A 133 -23.33 15.16 19.02
C LEU A 133 -22.78 14.57 17.71
N VAL A 134 -22.93 13.25 17.47
CA VAL A 134 -22.17 12.51 16.42
C VAL A 134 -23.00 12.37 15.14
N ASN A 135 -24.21 11.79 15.22
CA ASN A 135 -25.00 11.41 14.02
C ASN A 135 -26.51 11.47 14.32
N ILE A 136 -27.31 11.37 13.26
CA ILE A 136 -28.80 11.22 13.30
C ILE A 136 -29.19 10.18 12.25
N TYR A 137 -30.08 9.25 12.58
CA TYR A 137 -30.55 8.17 11.67
C TYR A 137 -32.02 7.85 11.90
N PRO A 138 -32.72 7.33 10.87
CA PRO A 138 -34.13 6.97 11.00
C PRO A 138 -34.35 5.57 11.61
N VAL A 139 -35.36 5.46 12.46
CA VAL A 139 -35.93 4.17 12.97
C VAL A 139 -37.45 4.26 12.83
N GLY A 140 -38.05 3.39 12.00
CA GLY A 140 -39.46 3.50 11.58
C GLY A 140 -39.74 4.88 11.01
N GLU A 141 -40.68 5.61 11.60
CA GLU A 141 -41.12 6.97 11.17
C GLU A 141 -40.34 8.03 11.97
N ASP A 142 -39.48 7.61 12.89
CA ASP A 142 -38.79 8.49 13.88
C ASP A 142 -37.34 8.74 13.46
N TYR A 143 -36.72 9.79 14.00
CA TYR A 143 -35.30 10.15 13.82
C TYR A 143 -34.62 10.26 15.19
N TYR A 144 -33.43 9.68 15.32
CA TYR A 144 -32.64 9.61 16.58
C TYR A 144 -31.25 10.22 16.35
N ALA A 145 -30.93 11.26 17.11
CA ALA A 145 -29.54 11.74 17.33
C ALA A 145 -28.85 10.74 18.27
N CYS A 146 -27.55 10.51 18.08
CA CYS A 146 -26.79 9.52 18.88
C CYS A 146 -25.36 9.99 19.13
N THR A 147 -24.75 9.43 20.18
CA THR A 147 -23.28 9.32 20.38
C THR A 147 -22.96 7.83 20.22
N GLU A 148 -22.21 7.23 21.15
CA GLU A 148 -21.80 5.80 21.07
C GLU A 148 -22.14 5.07 22.38
N THR A 149 -23.04 5.62 23.18
CA THR A 149 -23.46 5.07 24.49
C THR A 149 -24.80 4.32 24.31
N ASN A 150 -25.43 3.92 25.41
CA ASN A 150 -26.73 3.21 25.45
C ASN A 150 -27.88 4.19 25.19
N PHE A 151 -27.63 5.50 25.31
CA PHE A 151 -28.64 6.57 25.21
C PHE A 151 -28.64 7.19 23.80
N ILE A 152 -29.78 7.08 23.10
CA ILE A 152 -30.07 7.83 21.84
C ILE A 152 -31.27 8.75 22.11
N THR A 153 -31.34 9.88 21.39
CA THR A 153 -32.32 10.98 21.63
C THR A 153 -33.23 11.12 20.41
N LYS A 154 -34.52 10.83 20.58
CA LYS A 154 -35.57 11.06 19.55
C LYS A 154 -35.72 12.57 19.35
N VAL A 155 -35.65 13.03 18.09
CA VAL A 155 -35.69 14.47 17.72
C VAL A 155 -36.73 14.66 16.61
N ASN A 156 -37.32 15.85 16.54
CA ASN A 156 -38.29 16.26 15.48
C ASN A 156 -37.48 16.82 14.31
N PRO A 157 -37.48 16.14 13.13
CA PRO A 157 -36.64 16.58 12.02
C PRO A 157 -37.12 17.87 11.33
N GLU A 158 -38.34 18.32 11.63
CA GLU A 158 -38.94 19.56 11.06
C GLU A 158 -38.64 20.77 11.95
N THR A 159 -38.84 20.63 13.27
CA THR A 159 -38.71 21.73 14.27
C THR A 159 -37.35 21.68 14.98
N LEU A 160 -36.67 20.53 14.95
CA LEU A 160 -35.39 20.24 15.67
C LEU A 160 -35.62 20.22 17.18
N GLU A 161 -36.87 19.98 17.60
CA GLU A 161 -37.26 19.85 19.04
C GLU A 161 -36.80 18.46 19.53
N THR A 162 -36.36 18.38 20.79
CA THR A 162 -36.00 17.11 21.47
C THR A 162 -37.27 16.47 22.02
N ILE A 163 -37.54 15.21 21.64
CA ILE A 163 -38.81 14.51 21.96
C ILE A 163 -38.60 13.64 23.21
N LYS A 164 -37.63 12.73 23.21
CA LYS A 164 -37.38 11.84 24.37
C LYS A 164 -35.98 11.19 24.30
N GLN A 165 -35.51 10.73 25.46
CA GLN A 165 -34.30 9.89 25.63
C GLN A 165 -34.72 8.42 25.61
N VAL A 166 -33.99 7.58 24.86
CA VAL A 166 -34.20 6.12 24.77
C VAL A 166 -32.94 5.41 25.29
N ASP A 167 -33.11 4.48 26.22
CA ASP A 167 -32.03 3.61 26.77
C ASP A 167 -32.12 2.25 26.07
N LEU A 168 -31.15 1.94 25.20
CA LEU A 168 -31.12 0.69 24.40
C LEU A 168 -31.01 -0.53 25.32
N CYS A 169 -30.45 -0.35 26.52
CA CYS A 169 -30.32 -1.41 27.57
C CYS A 169 -31.69 -1.86 28.08
N ASN A 170 -32.73 -1.03 27.93
CA ASN A 170 -34.14 -1.37 28.27
C ASN A 170 -34.70 -2.39 27.26
N TYR A 171 -34.05 -2.56 26.10
CA TYR A 171 -34.57 -3.32 24.95
C TYR A 171 -33.66 -4.51 24.58
N VAL A 172 -32.34 -4.31 24.56
CA VAL A 172 -31.36 -5.35 24.08
C VAL A 172 -30.11 -5.35 24.97
N SER A 173 -29.37 -6.47 24.97
CA SER A 173 -28.15 -6.71 25.76
C SER A 173 -26.94 -6.08 25.05
N VAL A 174 -26.75 -4.77 25.21
CA VAL A 174 -25.53 -4.02 24.74
C VAL A 174 -25.23 -2.91 25.75
N ASN A 175 -23.94 -2.63 25.99
CA ASN A 175 -23.46 -1.55 26.88
C ASN A 175 -23.51 -0.22 26.13
N GLY A 176 -23.44 -0.28 24.79
CA GLY A 176 -23.59 0.87 23.89
C GLY A 176 -23.82 0.42 22.46
N ALA A 177 -23.92 1.35 21.52
CA ALA A 177 -24.05 1.09 20.07
C ALA A 177 -23.38 2.24 19.30
N THR A 178 -22.82 1.96 18.12
CA THR A 178 -22.07 2.95 17.31
C THR A 178 -23.03 4.03 16.80
N ALA A 179 -22.47 5.14 16.30
CA ALA A 179 -23.21 6.23 15.62
C ALA A 179 -23.31 5.94 14.13
N HIS A 180 -22.99 4.70 13.70
CA HIS A 180 -22.96 4.28 12.28
C HIS A 180 -23.75 3.00 12.09
N PRO A 181 -25.07 3.00 12.40
CA PRO A 181 -25.93 1.87 12.05
C PRO A 181 -26.07 1.81 10.52
N HIS A 182 -26.20 0.59 9.98
CA HIS A 182 -26.55 0.34 8.57
C HIS A 182 -28.09 0.31 8.45
N ILE A 183 -28.63 0.98 7.44
CA ILE A 183 -30.10 1.07 7.16
C ILE A 183 -30.35 0.38 5.82
N GLU A 184 -31.04 -0.75 5.82
CA GLU A 184 -31.49 -1.45 4.59
C GLU A 184 -32.64 -0.64 3.96
N ASN A 185 -32.95 -0.91 2.68
CA ASN A 185 -33.95 -0.14 1.88
C ASN A 185 -35.33 -0.22 2.53
N ASP A 186 -35.68 -1.34 3.18
CA ASP A 186 -37.01 -1.57 3.81
C ASP A 186 -37.09 -0.85 5.16
N GLY A 187 -35.97 -0.31 5.67
CA GLY A 187 -35.92 0.49 6.91
C GLY A 187 -35.34 -0.27 8.09
N THR A 188 -35.00 -1.56 7.89
CA THR A 188 -34.32 -2.41 8.89
C THR A 188 -33.00 -1.74 9.29
N VAL A 189 -32.77 -1.61 10.60
CA VAL A 189 -31.54 -0.99 11.18
C VAL A 189 -30.69 -2.09 11.79
N TYR A 190 -29.42 -2.16 11.39
CA TYR A 190 -28.37 -3.02 12.00
C TYR A 190 -27.37 -2.12 12.72
N ASN A 191 -26.92 -2.53 13.91
CA ASN A 191 -25.86 -1.82 14.67
C ASN A 191 -25.03 -2.84 15.44
N ILE A 192 -23.88 -2.43 15.94
CA ILE A 192 -22.94 -3.27 16.76
C ILE A 192 -22.64 -2.50 18.06
N GLY A 193 -22.45 -3.24 19.15
CA GLY A 193 -22.11 -2.68 20.46
C GLY A 193 -21.35 -3.69 21.31
N ASN A 194 -20.51 -3.19 22.23
CA ASN A 194 -19.81 -4.01 23.25
C ASN A 194 -20.86 -4.60 24.20
N CYS A 195 -20.63 -5.81 24.69
N CYS A 195 -20.63 -5.81 24.69
CA CYS A 195 -21.49 -6.52 25.68
CA CYS A 195 -21.49 -6.52 25.68
C CYS A 195 -20.60 -7.31 26.66
C CYS A 195 -20.61 -7.32 26.65
N ILE A 202 -16.96 -11.08 27.74
CA ILE A 202 -17.04 -9.85 26.87
C ILE A 202 -17.15 -10.31 25.41
N ALA A 203 -18.05 -9.68 24.64
CA ALA A 203 -18.30 -9.95 23.21
C ALA A 203 -18.89 -8.70 22.54
N TYR A 204 -19.13 -8.77 21.23
CA TYR A 204 -19.78 -7.70 20.42
C TYR A 204 -21.07 -8.26 19.83
N ASN A 205 -22.20 -7.60 20.12
CA ASN A 205 -23.55 -8.03 19.67
C ASN A 205 -24.01 -7.17 18.49
N ILE A 206 -24.54 -7.80 17.45
CA ILE A 206 -25.24 -7.12 16.33
C ILE A 206 -26.71 -6.97 16.73
N VAL A 207 -27.17 -5.72 16.85
CA VAL A 207 -28.60 -5.36 17.12
C VAL A 207 -29.31 -5.21 15.78
N LYS A 208 -30.53 -5.76 15.66
CA LYS A 208 -31.42 -5.60 14.49
C LYS A 208 -32.73 -4.95 14.97
N ILE A 209 -33.05 -3.77 14.44
CA ILE A 209 -34.34 -3.06 14.66
C ILE A 209 -35.16 -3.20 13.37
N PRO A 210 -36.35 -3.85 13.42
CA PRO A 210 -37.13 -4.09 12.21
C PRO A 210 -37.77 -2.82 11.66
N PRO A 211 -38.31 -2.84 10.43
CA PRO A 211 -39.10 -1.73 9.90
C PRO A 211 -40.41 -1.56 10.68
N LEU A 212 -41.06 -0.40 10.56
CA LEU A 212 -42.40 -0.14 11.14
C LEU A 212 -43.41 -1.08 10.49
N GLN A 213 -44.14 -1.86 11.29
CA GLN A 213 -45.14 -2.86 10.83
C GLN A 213 -46.52 -2.19 10.78
N ALA A 214 -47.55 -2.95 10.38
CA ALA A 214 -48.97 -2.51 10.30
C ALA A 214 -49.48 -2.14 11.70
N ASP A 215 -49.05 -2.87 12.73
CA ASP A 215 -49.41 -2.63 14.16
C ASP A 215 -48.96 -1.23 14.59
N LYS A 216 -47.91 -0.69 13.95
CA LYS A 216 -47.46 0.73 14.05
C LYS A 216 -46.83 1.01 15.43
N GLU A 217 -46.51 -0.02 16.21
CA GLU A 217 -45.88 0.12 17.55
C GLU A 217 -44.37 0.27 17.38
N ASP A 218 -43.71 0.88 18.38
CA ASP A 218 -42.28 1.32 18.33
C ASP A 218 -41.40 0.16 17.88
N PRO A 219 -40.72 0.27 16.71
CA PRO A 219 -39.78 -0.77 16.25
C PRO A 219 -38.66 -1.10 17.25
N ILE A 220 -38.25 -0.15 18.09
CA ILE A 220 -37.17 -0.34 19.11
C ILE A 220 -37.62 -1.40 20.14
N SER A 221 -38.93 -1.50 20.41
CA SER A 221 -39.52 -2.50 21.35
C SER A 221 -39.44 -3.91 20.75
N LYS A 222 -39.16 -4.04 19.45
CA LYS A 222 -38.99 -5.34 18.74
C LYS A 222 -37.51 -5.58 18.42
N SER A 223 -36.59 -4.83 19.03
CA SER A 223 -35.12 -4.98 18.87
C SER A 223 -34.69 -6.38 19.35
N GLU A 224 -33.69 -6.97 18.70
CA GLU A 224 -33.15 -8.31 19.03
C GLU A 224 -31.66 -8.38 18.67
N ILE A 225 -30.91 -9.24 19.37
CA ILE A 225 -29.52 -9.63 19.02
C ILE A 225 -29.58 -10.80 18.04
N VAL A 226 -29.06 -10.61 16.81
CA VAL A 226 -29.11 -11.61 15.70
C VAL A 226 -27.85 -12.48 15.72
N VAL A 227 -26.69 -11.90 16.04
CA VAL A 227 -25.39 -12.65 16.07
C VAL A 227 -24.41 -11.95 17.02
N GLN A 228 -23.46 -12.72 17.55
CA GLN A 228 -22.41 -12.27 18.51
C GLN A 228 -21.04 -12.56 17.90
N PHE A 229 -20.13 -11.59 17.94
CA PHE A 229 -18.70 -11.74 17.59
C PHE A 229 -17.90 -11.97 18.87
N PRO A 230 -16.90 -12.87 18.86
CA PRO A 230 -16.04 -13.08 20.03
C PRO A 230 -15.05 -11.92 20.19
N CYS A 231 -14.46 -11.80 21.38
N CYS A 231 -14.46 -11.79 21.38
CA CYS A 231 -13.45 -10.76 21.72
CA CYS A 231 -13.45 -10.75 21.73
C CYS A 231 -12.06 -11.39 21.82
C CYS A 231 -12.06 -11.39 21.82
N SER A 232 -11.04 -10.68 21.33
CA SER A 232 -9.61 -11.13 21.31
C SER A 232 -9.07 -11.22 22.74
N ASP A 233 -9.56 -10.35 23.63
CA ASP A 233 -9.13 -10.26 25.05
C ASP A 233 -10.37 -10.45 25.94
N ARG A 234 -10.29 -11.40 26.88
CA ARG A 234 -11.40 -11.82 27.77
C ARG A 234 -12.04 -10.60 28.46
N PHE A 235 -11.22 -9.66 28.93
CA PHE A 235 -11.64 -8.54 29.83
C PHE A 235 -11.52 -7.18 29.15
N LYS A 236 -11.05 -7.10 27.90
CA LYS A 236 -10.79 -5.82 27.20
C LYS A 236 -11.40 -5.85 25.79
N PRO A 237 -12.60 -5.26 25.59
CA PRO A 237 -13.17 -5.14 24.25
C PRO A 237 -12.45 -4.05 23.46
N SER A 238 -12.36 -4.21 22.14
CA SER A 238 -11.86 -3.18 21.20
C SER A 238 -12.90 -2.06 21.08
N TYR A 239 -12.43 -0.83 20.90
CA TYR A 239 -13.27 0.32 20.46
C TYR A 239 -13.80 -0.01 19.07
N VAL A 240 -15.12 0.11 18.87
CA VAL A 240 -15.78 -0.11 17.55
C VAL A 240 -16.57 1.16 17.20
N HIS A 241 -16.28 1.74 16.03
CA HIS A 241 -16.87 3.01 15.54
C HIS A 241 -17.90 2.72 14.43
N SER A 242 -17.67 1.67 13.64
CA SER A 242 -18.52 1.28 12.49
C SER A 242 -18.24 -0.18 12.13
N PHE A 243 -18.99 -0.71 11.17
CA PHE A 243 -18.91 -2.12 10.70
C PHE A 243 -19.40 -2.19 9.25
N GLY A 244 -19.14 -3.32 8.58
CA GLY A 244 -19.55 -3.57 7.20
C GLY A 244 -20.79 -4.44 7.12
N LEU A 245 -21.64 -4.19 6.13
CA LEU A 245 -22.87 -4.99 5.88
C LEU A 245 -23.04 -5.20 4.36
N THR A 246 -23.25 -6.45 3.97
CA THR A 246 -23.64 -6.86 2.59
C THR A 246 -25.00 -7.56 2.69
N PRO A 247 -25.66 -7.91 1.57
CA PRO A 247 -26.88 -8.71 1.63
C PRO A 247 -26.76 -9.97 2.49
N ASN A 248 -25.59 -10.63 2.47
CA ASN A 248 -25.39 -11.99 3.07
C ASN A 248 -24.43 -11.97 4.26
N TYR A 249 -23.67 -10.90 4.47
CA TYR A 249 -22.56 -10.90 5.47
C TYR A 249 -22.50 -9.61 6.28
N ILE A 250 -22.04 -9.77 7.52
CA ILE A 250 -21.67 -8.68 8.48
C ILE A 250 -20.16 -8.78 8.67
N VAL A 251 -19.43 -7.67 8.50
CA VAL A 251 -17.95 -7.61 8.67
C VAL A 251 -17.66 -6.70 9.87
N PHE A 252 -16.91 -7.24 10.85
CA PHE A 252 -16.46 -6.51 12.06
C PHE A 252 -14.93 -6.52 12.09
N VAL A 253 -14.32 -5.34 12.22
CA VAL A 253 -12.84 -5.16 12.30
C VAL A 253 -12.47 -4.88 13.75
N GLU A 254 -11.81 -5.82 14.41
CA GLU A 254 -11.34 -5.72 15.81
C GLU A 254 -9.92 -5.13 15.81
N THR A 255 -9.78 -3.88 16.26
CA THR A 255 -8.52 -3.09 16.20
C THR A 255 -7.77 -3.21 17.53
N PRO A 256 -6.47 -2.89 17.56
CA PRO A 256 -5.70 -2.92 18.81
C PRO A 256 -6.00 -1.80 19.81
N VAL A 257 -6.93 -0.89 19.49
CA VAL A 257 -7.45 0.16 20.42
C VAL A 257 -8.43 -0.52 21.39
N LYS A 258 -8.01 -0.74 22.64
CA LYS A 258 -8.76 -1.52 23.66
C LYS A 258 -9.32 -0.59 24.74
N ILE A 259 -10.49 -0.95 25.28
CA ILE A 259 -11.13 -0.32 26.46
C ILE A 259 -10.76 -1.16 27.69
N ASN A 260 -9.99 -0.59 28.62
CA ASN A 260 -9.58 -1.23 29.89
C ASN A 260 -10.74 -1.10 30.89
N LEU A 261 -11.58 -2.14 30.97
CA LEU A 261 -12.80 -2.17 31.82
C LEU A 261 -12.43 -2.00 33.30
N PHE A 262 -11.25 -2.49 33.71
CA PHE A 262 -10.70 -2.37 35.09
C PHE A 262 -10.63 -0.88 35.49
N LYS A 263 -10.32 -0.01 34.52
CA LYS A 263 -10.27 1.48 34.70
C LYS A 263 -11.66 2.07 34.43
N GLY A 272 -11.66 10.77 39.51
CA GLY A 272 -11.87 11.80 38.47
C GLY A 272 -11.40 11.33 37.10
N ALA A 273 -11.93 10.19 36.64
CA ALA A 273 -11.60 9.57 35.34
C ALA A 273 -12.70 9.89 34.30
N ASN A 274 -12.30 10.02 33.04
CA ASN A 274 -13.22 10.18 31.87
C ASN A 274 -13.08 8.94 30.99
N TYR A 275 -13.75 8.93 29.83
CA TYR A 275 -13.78 7.77 28.89
C TYR A 275 -12.40 7.60 28.23
N MET A 276 -11.76 8.71 27.84
CA MET A 276 -10.41 8.72 27.19
C MET A 276 -9.38 8.01 28.07
N ASP A 277 -9.52 8.11 29.40
CA ASP A 277 -8.58 7.51 30.39
C ASP A 277 -8.64 5.98 30.36
N CYS A 278 -9.69 5.39 29.79
CA CYS A 278 -9.94 3.92 29.78
C CYS A 278 -9.26 3.24 28.58
N PHE A 279 -8.86 3.99 27.56
CA PHE A 279 -8.31 3.45 26.29
C PHE A 279 -6.83 3.10 26.47
N GLU A 280 -6.41 1.97 25.90
CA GLU A 280 -4.99 1.54 25.78
C GLU A 280 -4.80 0.80 24.45
N SER A 281 -3.56 0.72 23.98
CA SER A 281 -3.19 0.07 22.70
C SER A 281 -2.55 -1.29 22.97
N ASN A 282 -3.11 -2.36 22.40
CA ASN A 282 -2.49 -3.71 22.37
C ASN A 282 -1.44 -3.72 21.26
N GLU A 283 -0.17 -3.92 21.60
CA GLU A 283 0.99 -3.73 20.69
C GLU A 283 1.18 -4.95 19.79
N THR A 284 0.71 -6.13 20.19
CA THR A 284 1.11 -7.43 19.59
C THR A 284 -0.01 -8.04 18.73
N MET A 285 -1.28 -7.72 18.98
CA MET A 285 -2.43 -8.45 18.36
C MET A 285 -2.63 -8.05 16.90
N GLY A 286 -2.22 -6.84 16.51
CA GLY A 286 -2.53 -6.26 15.17
C GLY A 286 -4.02 -6.07 15.02
N VAL A 287 -4.56 -6.35 13.83
CA VAL A 287 -6.03 -6.24 13.53
C VAL A 287 -6.59 -7.64 13.23
N TRP A 288 -7.68 -8.00 13.91
CA TRP A 288 -8.48 -9.23 13.67
C TRP A 288 -9.75 -8.83 12.89
N LEU A 289 -9.96 -9.42 11.71
CA LEU A 289 -11.20 -9.19 10.92
C LEU A 289 -12.13 -10.39 11.11
N HIS A 290 -13.43 -10.12 11.25
CA HIS A 290 -14.49 -11.10 11.59
C HIS A 290 -15.63 -10.97 10.58
N ILE A 291 -16.15 -12.11 10.12
N ILE A 291 -16.15 -12.11 10.12
CA ILE A 291 -17.36 -12.17 9.24
CA ILE A 291 -17.35 -12.19 9.24
C ILE A 291 -18.41 -13.05 9.93
C ILE A 291 -18.41 -13.04 9.95
N ALA A 292 -19.69 -12.68 9.77
CA ALA A 292 -20.86 -13.46 10.24
C ALA A 292 -21.82 -13.60 9.07
N ASP A 293 -22.42 -14.79 8.93
CA ASP A 293 -23.54 -15.04 7.98
C ASP A 293 -24.76 -14.28 8.50
N LYS A 294 -25.21 -13.27 7.77
CA LYS A 294 -26.31 -12.35 8.16
C LYS A 294 -27.64 -13.13 8.23
N LYS A 295 -27.94 -13.93 7.21
CA LYS A 295 -29.25 -14.61 7.04
C LYS A 295 -29.34 -15.84 7.95
N ARG A 296 -28.24 -16.60 8.10
CA ARG A 296 -28.18 -17.79 8.97
C ARG A 296 -27.81 -17.38 10.40
N LYS A 297 -27.51 -16.10 10.62
CA LYS A 297 -27.29 -15.50 11.97
C LYS A 297 -26.22 -16.30 12.72
N LYS A 298 -25.07 -16.53 12.08
CA LYS A 298 -24.00 -17.42 12.57
C LYS A 298 -22.63 -16.77 12.34
N TYR A 299 -21.78 -16.72 13.38
CA TYR A 299 -20.36 -16.30 13.28
C TYR A 299 -19.59 -17.36 12.48
N ILE A 300 -18.73 -16.92 11.57
CA ILE A 300 -17.85 -17.81 10.75
C ILE A 300 -16.44 -17.77 11.37
N ASN A 301 -15.89 -18.93 11.73
N ASN A 301 -15.90 -18.93 11.73
CA ASN A 301 -14.62 -19.05 12.48
CA ASN A 301 -14.62 -19.08 12.47
C ASN A 301 -13.44 -19.01 11.50
C ASN A 301 -13.44 -19.02 11.49
N ASN A 302 -13.36 -17.95 10.69
CA ASN A 302 -12.22 -17.66 9.78
C ASN A 302 -11.33 -16.63 10.49
N LYS A 303 -10.09 -17.00 10.81
CA LYS A 303 -9.15 -16.16 11.60
C LYS A 303 -8.37 -15.25 10.64
N TYR A 304 -9.03 -14.18 10.18
CA TYR A 304 -8.42 -13.12 9.34
C TYR A 304 -7.56 -12.23 10.24
N ARG A 305 -6.30 -12.01 9.84
CA ARG A 305 -5.29 -11.26 10.62
C ARG A 305 -4.54 -10.30 9.68
N THR A 306 -4.17 -9.12 10.17
CA THR A 306 -3.29 -8.16 9.45
C THR A 306 -2.59 -7.26 10.46
N SER A 307 -1.77 -6.33 9.95
N SER A 307 -1.78 -6.32 9.95
CA SER A 307 -0.94 -5.39 10.73
CA SER A 307 -0.93 -5.37 10.71
C SER A 307 -1.82 -4.38 11.47
C SER A 307 -1.82 -4.38 11.47
N PRO A 308 -1.31 -3.72 12.53
CA PRO A 308 -2.13 -2.78 13.31
C PRO A 308 -2.50 -1.49 12.58
N PHE A 309 -3.77 -1.08 12.72
CA PHE A 309 -4.28 0.25 12.31
C PHE A 309 -5.48 0.62 13.19
N ASN A 310 -5.74 1.92 13.33
CA ASN A 310 -7.04 2.46 13.81
C ASN A 310 -8.02 2.43 12.65
N LEU A 311 -9.28 2.09 12.92
CA LEU A 311 -10.40 2.18 11.95
C LEU A 311 -11.58 2.90 12.63
N PHE A 312 -12.08 3.96 12.00
CA PHE A 312 -13.33 4.64 12.39
C PHE A 312 -14.40 4.30 11.36
N HIS A 313 -14.14 4.57 10.08
CA HIS A 313 -15.14 4.52 9.00
C HIS A 313 -14.82 3.45 7.97
N HIS A 314 -15.66 2.41 7.91
CA HIS A 314 -15.90 1.59 6.70
C HIS A 314 -16.39 2.52 5.59
N ILE A 315 -15.90 2.35 4.36
CA ILE A 315 -16.38 3.09 3.16
C ILE A 315 -17.57 2.33 2.59
N ASN A 316 -17.34 1.08 2.18
CA ASN A 316 -18.38 0.16 1.65
C ASN A 316 -17.83 -1.26 1.72
N THR A 317 -18.73 -2.24 1.73
CA THR A 317 -18.43 -3.69 1.71
C THR A 317 -19.31 -4.33 0.64
N TYR A 318 -18.80 -5.30 -0.12
CA TYR A 318 -19.63 -6.05 -1.09
C TYR A 318 -19.02 -7.42 -1.37
N GLU A 319 -19.84 -8.29 -1.96
CA GLU A 319 -19.52 -9.69 -2.32
C GLU A 319 -19.08 -9.70 -3.78
N ASP A 320 -17.93 -10.34 -4.06
CA ASP A 320 -17.39 -10.55 -5.42
C ASP A 320 -16.95 -12.00 -5.52
N HIS A 321 -17.76 -12.84 -6.18
CA HIS A 321 -17.63 -14.32 -6.19
C HIS A 321 -17.53 -14.79 -4.74
N GLU A 322 -16.52 -15.59 -4.36
CA GLU A 322 -16.42 -16.15 -3.00
C GLU A 322 -15.49 -15.28 -2.14
N PHE A 323 -15.61 -13.96 -2.26
CA PHE A 323 -14.75 -12.96 -1.56
C PHE A 323 -15.59 -11.77 -1.09
N LEU A 324 -15.26 -11.24 0.09
CA LEU A 324 -15.78 -9.94 0.59
C LEU A 324 -14.73 -8.86 0.33
N ILE A 325 -15.13 -7.81 -0.40
CA ILE A 325 -14.32 -6.59 -0.65
C ILE A 325 -14.62 -5.61 0.49
N VAL A 326 -13.60 -5.27 1.28
CA VAL A 326 -13.74 -4.45 2.52
C VAL A 326 -12.90 -3.18 2.34
N ASP A 327 -13.54 -2.08 1.97
CA ASP A 327 -12.90 -0.76 1.75
C ASP A 327 -12.98 0.04 3.07
N LEU A 328 -11.81 0.45 3.58
CA LEU A 328 -11.65 1.06 4.93
C LEU A 328 -10.86 2.37 4.82
N CYS A 329 -11.21 3.34 5.67
CA CYS A 329 -10.36 4.51 6.00
C CYS A 329 -9.52 4.15 7.23
N CYS A 330 -8.23 3.83 7.01
CA CYS A 330 -7.31 3.31 8.04
C CYS A 330 -6.38 4.42 8.53
N TRP A 331 -5.87 4.26 9.76
CA TRP A 331 -4.77 5.06 10.34
C TRP A 331 -3.66 4.09 10.76
N LYS A 332 -2.50 4.16 10.11
CA LYS A 332 -1.40 3.16 10.23
C LYS A 332 -0.70 3.34 11.59
N GLY A 333 -0.82 2.34 12.47
CA GLY A 333 -0.29 2.34 13.85
C GLY A 333 -1.36 1.92 14.85
N PHE A 334 -0.97 1.64 16.09
CA PHE A 334 -1.91 1.17 17.15
C PHE A 334 -2.19 2.29 18.17
N GLU A 335 -1.46 3.41 18.12
CA GLU A 335 -1.76 4.59 18.97
C GLU A 335 -3.15 5.13 18.59
N PHE A 336 -3.97 5.42 19.60
CA PHE A 336 -5.36 5.92 19.41
C PHE A 336 -5.31 7.32 18.81
N VAL A 337 -5.92 7.50 17.65
CA VAL A 337 -5.93 8.78 16.86
C VAL A 337 -6.61 9.87 17.69
N TYR A 338 -7.55 9.50 18.56
CA TYR A 338 -8.34 10.44 19.41
C TYR A 338 -7.41 11.22 20.35
N ASN A 339 -6.21 10.69 20.65
CA ASN A 339 -5.17 11.37 21.47
C ASN A 339 -4.79 12.72 20.85
N TYR A 340 -4.98 12.90 19.53
CA TYR A 340 -4.57 14.09 18.76
C TYR A 340 -5.75 15.06 18.57
N LEU A 341 -6.91 14.80 19.19
CA LEU A 341 -8.17 15.55 18.92
C LEU A 341 -8.67 16.28 20.18
N TYR A 342 -7.76 16.66 21.09
CA TYR A 342 -8.07 17.60 22.21
C TYR A 342 -8.19 19.01 21.62
N LEU A 343 -9.18 19.78 22.08
CA LEU A 343 -9.54 21.11 21.52
C LEU A 343 -8.35 22.06 21.62
N ALA A 344 -7.57 21.98 22.71
CA ALA A 344 -6.35 22.78 22.95
C ALA A 344 -5.37 22.63 21.77
N ASN A 345 -5.26 21.42 21.22
CA ASN A 345 -4.32 21.09 20.12
C ASN A 345 -4.91 21.55 18.79
N LEU A 346 -6.21 21.34 18.57
CA LEU A 346 -6.92 21.71 17.31
C LEU A 346 -7.08 23.23 17.19
N ARG A 347 -6.96 23.97 18.30
CA ARG A 347 -7.08 25.46 18.34
C ARG A 347 -5.70 26.13 18.21
N GLU A 348 -4.62 25.38 18.24
CA GLU A 348 -3.23 25.93 18.14
C GLU A 348 -3.05 26.56 16.75
N ASN A 349 -2.03 27.43 16.63
CA ASN A 349 -1.62 28.06 15.34
C ASN A 349 -1.11 26.94 14.41
N TRP A 350 -1.09 27.23 13.11
CA TRP A 350 -0.95 26.21 12.03
C TRP A 350 0.37 25.45 12.15
N GLU A 351 1.49 26.14 12.42
CA GLU A 351 2.84 25.52 12.54
C GLU A 351 2.83 24.51 13.69
N GLU A 352 2.11 24.81 14.78
CA GLU A 352 2.01 23.93 15.99
C GLU A 352 1.11 22.73 15.66
N VAL A 353 0.02 22.95 14.92
CA VAL A 353 -0.92 21.88 14.47
C VAL A 353 -0.15 20.85 13.64
N LYS A 354 0.67 21.31 12.69
CA LYS A 354 1.49 20.43 11.81
C LYS A 354 2.49 19.65 12.66
N LYS A 355 3.18 20.33 13.58
CA LYS A 355 4.20 19.71 14.48
C LYS A 355 3.56 18.63 15.35
N ASN A 356 2.34 18.87 15.84
CA ASN A 356 1.59 17.95 16.75
C ASN A 356 1.27 16.63 16.02
N ALA A 357 1.10 16.66 14.69
CA ALA A 357 0.66 15.51 13.88
C ALA A 357 1.85 14.73 13.32
N ARG A 358 3.09 15.15 13.59
CA ARG A 358 4.33 14.57 13.00
C ARG A 358 4.43 13.08 13.33
N LYS A 359 4.11 12.68 14.57
CA LYS A 359 4.28 11.29 15.07
C LYS A 359 2.94 10.55 15.13
N ALA A 360 1.87 11.14 14.58
CA ALA A 360 0.52 10.55 14.55
C ALA A 360 0.49 9.38 13.57
N PRO A 361 -0.45 8.42 13.72
CA PRO A 361 -0.71 7.42 12.68
C PRO A 361 -1.00 8.10 11.34
N GLN A 362 -0.54 7.48 10.24
CA GLN A 362 -0.71 8.01 8.85
C GLN A 362 -2.03 7.50 8.28
N PRO A 363 -2.89 8.39 7.74
CA PRO A 363 -4.15 7.96 7.13
C PRO A 363 -3.89 7.24 5.79
N GLU A 364 -4.73 6.26 5.47
CA GLU A 364 -4.61 5.47 4.22
C GLU A 364 -5.92 4.75 3.94
N VAL A 365 -6.48 4.93 2.74
CA VAL A 365 -7.65 4.14 2.26
C VAL A 365 -7.13 2.80 1.75
N ARG A 366 -7.64 1.71 2.31
CA ARG A 366 -7.18 0.33 2.02
C ARG A 366 -8.38 -0.54 1.62
N ARG A 367 -8.18 -1.35 0.56
CA ARG A 367 -9.10 -2.44 0.16
C ARG A 367 -8.52 -3.76 0.68
N TYR A 368 -9.21 -4.41 1.60
CA TYR A 368 -8.94 -5.81 2.04
C TYR A 368 -9.89 -6.75 1.31
N VAL A 369 -9.42 -7.93 0.95
CA VAL A 369 -10.24 -8.99 0.28
C VAL A 369 -10.19 -10.24 1.15
N LEU A 370 -11.35 -10.63 1.69
CA LEU A 370 -11.53 -11.77 2.62
C LEU A 370 -12.07 -12.96 1.83
N PRO A 371 -11.29 -14.05 1.63
CA PRO A 371 -11.82 -15.26 1.02
C PRO A 371 -12.83 -15.95 1.95
N LEU A 372 -13.96 -16.39 1.38
CA LEU A 372 -15.04 -17.10 2.12
C LEU A 372 -14.77 -18.61 2.06
N ASN A 373 -14.17 -19.10 0.96
CA ASN A 373 -13.83 -20.53 0.74
C ASN A 373 -12.34 -20.75 1.06
N ILE A 374 -12.05 -21.38 2.21
CA ILE A 374 -10.68 -21.71 2.69
C ILE A 374 -10.43 -23.21 2.44
N ASP A 375 -9.59 -23.53 1.45
CA ASP A 375 -9.18 -24.92 1.10
C ASP A 375 -7.79 -25.18 1.69
N LYS A 376 -7.67 -26.19 2.57
CA LYS A 376 -6.42 -26.59 3.26
C LYS A 376 -5.31 -26.89 2.24
N ALA A 377 -5.69 -27.37 1.05
CA ALA A 377 -4.77 -27.71 -0.07
C ALA A 377 -3.99 -26.46 -0.52
N ASP A 378 -4.49 -25.25 -0.23
CA ASP A 378 -3.87 -23.97 -0.65
C ASP A 378 -3.07 -23.36 0.50
N THR A 379 -2.81 -24.12 1.58
CA THR A 379 -1.98 -23.68 2.73
C THR A 379 -0.65 -23.12 2.19
N GLY A 380 -0.27 -21.92 2.65
CA GLY A 380 0.99 -21.24 2.30
C GLY A 380 0.88 -20.36 1.08
N LYS A 381 -0.30 -20.32 0.44
CA LYS A 381 -0.53 -19.60 -0.84
C LYS A 381 -1.50 -18.44 -0.65
N ASN A 382 -1.54 -17.54 -1.63
CA ASN A 382 -2.48 -16.39 -1.74
C ASN A 382 -3.82 -16.91 -2.27
N LEU A 383 -4.91 -16.75 -1.51
CA LEU A 383 -6.26 -17.28 -1.85
C LEU A 383 -7.03 -16.29 -2.73
N VAL A 384 -6.57 -15.05 -2.85
CA VAL A 384 -7.30 -13.97 -3.59
C VAL A 384 -7.01 -14.12 -5.09
N THR A 385 -7.89 -14.86 -5.79
CA THR A 385 -7.75 -15.24 -7.22
C THR A 385 -8.46 -14.22 -8.11
N LEU A 386 -9.08 -13.18 -7.54
CA LEU A 386 -9.77 -12.10 -8.29
C LEU A 386 -8.77 -11.43 -9.23
N PRO A 387 -9.19 -11.06 -10.47
CA PRO A 387 -8.27 -10.53 -11.46
C PRO A 387 -7.95 -9.02 -11.37
N ASN A 388 -8.68 -8.28 -10.54
CA ASN A 388 -8.74 -6.79 -10.54
CA ASN A 388 -8.68 -6.78 -10.57
C ASN A 388 -8.25 -6.22 -9.20
N THR A 389 -7.49 -6.98 -8.41
CA THR A 389 -6.96 -6.51 -7.11
C THR A 389 -5.52 -7.01 -6.89
N THR A 390 -4.76 -6.27 -6.07
CA THR A 390 -3.41 -6.66 -5.57
C THR A 390 -3.49 -7.03 -4.09
N ALA A 391 -4.68 -6.99 -3.50
CA ALA A 391 -4.95 -7.50 -2.13
C ALA A 391 -4.66 -9.01 -2.10
N THR A 392 -4.05 -9.49 -1.02
CA THR A 392 -3.68 -10.91 -0.84
C THR A 392 -4.23 -11.42 0.50
N ALA A 393 -4.39 -12.73 0.61
CA ALA A 393 -4.83 -13.46 1.82
C ALA A 393 -4.09 -14.79 1.88
N ILE A 394 -3.08 -14.89 2.76
CA ILE A 394 -2.19 -16.08 2.87
C ILE A 394 -2.77 -17.01 3.93
N LEU A 395 -3.16 -18.23 3.53
CA LEU A 395 -3.59 -19.31 4.46
C LEU A 395 -2.34 -19.90 5.12
N CYS A 396 -2.20 -19.73 6.44
CA CYS A 396 -1.08 -20.24 7.25
C CYS A 396 -1.43 -21.62 7.81
N SER A 397 -0.43 -22.33 8.36
CA SER A 397 -0.55 -23.71 8.88
C SER A 397 -1.39 -23.72 10.17
N ASP A 398 -1.35 -22.64 10.95
CA ASP A 398 -2.16 -22.45 12.18
C ASP A 398 -3.60 -22.04 11.84
N GLU A 399 -3.91 -21.92 10.53
CA GLU A 399 -5.26 -21.68 9.96
C GLU A 399 -5.61 -20.19 10.00
N THR A 400 -4.72 -19.33 10.51
CA THR A 400 -4.85 -17.85 10.39
C THR A 400 -4.71 -17.47 8.92
N ILE A 401 -5.44 -16.46 8.47
CA ILE A 401 -5.42 -15.94 7.08
C ILE A 401 -4.83 -14.53 7.13
N TRP A 402 -3.55 -14.37 6.74
CA TRP A 402 -2.83 -13.08 6.79
C TRP A 402 -3.22 -12.23 5.57
N LEU A 403 -3.76 -11.03 5.80
CA LEU A 403 -4.25 -10.11 4.73
C LEU A 403 -3.20 -9.04 4.46
N GLU A 404 -2.98 -8.72 3.18
CA GLU A 404 -2.31 -7.47 2.71
C GLU A 404 -3.33 -6.67 1.93
N PRO A 405 -3.40 -5.33 2.13
CA PRO A 405 -4.36 -4.50 1.43
C PRO A 405 -3.89 -4.09 0.03
N GLU A 406 -4.85 -3.70 -0.81
CA GLU A 406 -4.62 -2.82 -1.99
C GLU A 406 -4.87 -1.39 -1.52
N VAL A 407 -3.85 -0.52 -1.62
CA VAL A 407 -3.95 0.91 -1.19
C VAL A 407 -4.65 1.69 -2.32
N LEU A 408 -5.77 2.36 -2.00
CA LEU A 408 -6.60 3.11 -2.97
C LEU A 408 -6.22 4.60 -2.95
N PHE A 409 -5.76 5.10 -1.80
CA PHE A 409 -5.43 6.53 -1.56
C PHE A 409 -4.48 6.64 -0.38
N SER A 410 -3.40 7.41 -0.54
CA SER A 410 -2.35 7.64 0.49
C SER A 410 -1.66 8.99 0.25
N GLY A 411 -1.89 9.94 1.16
CA GLY A 411 -1.25 11.28 1.15
C GLY A 411 -0.61 11.58 2.51
N PRO A 412 0.62 12.17 2.55
CA PRO A 412 1.31 12.44 3.81
C PRO A 412 0.49 13.33 4.77
N ARG A 413 -0.07 12.72 5.81
CA ARG A 413 -0.92 13.39 6.84
C ARG A 413 -2.11 14.10 6.16
N GLN A 414 -2.54 13.57 5.01
N GLN A 414 -2.54 13.57 5.01
CA GLN A 414 -3.71 14.04 4.22
CA GLN A 414 -3.71 14.04 4.22
C GLN A 414 -4.74 12.90 4.16
C GLN A 414 -4.74 12.90 4.16
N ALA A 415 -5.71 12.89 5.07
CA ALA A 415 -6.69 11.80 5.23
C ALA A 415 -7.86 11.99 4.27
N PHE A 416 -8.24 10.92 3.57
CA PHE A 416 -9.58 10.74 2.96
C PHE A 416 -10.47 10.14 4.04
N GLU A 417 -11.29 10.96 4.70
CA GLU A 417 -12.07 10.57 5.91
C GLU A 417 -13.54 10.98 5.73
N PHE A 418 -14.37 10.65 6.72
CA PHE A 418 -15.84 10.84 6.70
C PHE A 418 -16.36 10.38 5.34
N PRO A 419 -16.10 9.10 4.96
CA PRO A 419 -16.45 8.61 3.63
C PRO A 419 -17.97 8.49 3.46
N GLN A 420 -18.44 8.79 2.25
CA GLN A 420 -19.86 8.67 1.85
C GLN A 420 -19.91 8.10 0.43
N ILE A 421 -20.95 7.32 0.13
CA ILE A 421 -21.21 6.73 -1.21
C ILE A 421 -22.66 7.02 -1.59
N ASN A 422 -23.07 6.62 -2.80
CA ASN A 422 -24.49 6.49 -3.19
C ASN A 422 -25.08 5.32 -2.39
N TYR A 423 -25.38 5.53 -1.11
CA TYR A 423 -25.64 4.49 -0.10
C TYR A 423 -26.90 3.68 -0.45
N GLN A 424 -27.99 4.38 -0.79
CA GLN A 424 -29.33 3.77 -1.01
C GLN A 424 -29.26 2.70 -2.11
N LYS A 425 -28.46 2.93 -3.16
CA LYS A 425 -28.42 2.05 -4.36
C LYS A 425 -27.14 1.18 -4.38
N TYR A 426 -26.03 1.61 -3.76
CA TYR A 426 -24.72 0.92 -3.87
C TYR A 426 -24.17 0.48 -2.51
N GLY A 427 -24.84 0.80 -1.40
CA GLY A 427 -24.48 0.29 -0.05
C GLY A 427 -24.55 -1.23 -0.02
N GLY A 428 -23.44 -1.89 0.32
CA GLY A 428 -23.34 -3.36 0.44
C GLY A 428 -23.19 -4.04 -0.90
N LYS A 429 -22.96 -3.28 -1.98
CA LYS A 429 -22.98 -3.79 -3.38
C LYS A 429 -21.74 -3.30 -4.13
N PRO A 430 -21.35 -3.98 -5.24
CA PRO A 430 -20.29 -3.48 -6.11
C PRO A 430 -20.50 -1.99 -6.43
N TYR A 431 -19.42 -1.20 -6.35
CA TYR A 431 -19.48 0.28 -6.48
C TYR A 431 -18.15 0.80 -7.03
N THR A 432 -18.14 2.08 -7.42
CA THR A 432 -17.01 2.75 -8.11
C THR A 432 -16.55 4.00 -7.35
N TYR A 433 -17.47 4.73 -6.71
CA TYR A 433 -17.21 6.12 -6.23
C TYR A 433 -17.43 6.24 -4.72
N ALA A 434 -16.47 6.86 -4.04
CA ALA A 434 -16.57 7.34 -2.65
C ALA A 434 -16.28 8.85 -2.62
N TYR A 435 -16.97 9.56 -1.73
CA TYR A 435 -16.75 11.00 -1.44
C TYR A 435 -16.22 11.10 -0.01
N GLY A 436 -15.33 12.05 0.25
CA GLY A 436 -14.62 12.16 1.54
C GLY A 436 -14.31 13.61 1.91
N LEU A 437 -14.13 13.84 3.20
CA LEU A 437 -13.55 15.07 3.77
C LEU A 437 -12.04 14.88 3.84
N GLY A 438 -11.27 15.78 3.24
CA GLY A 438 -9.80 15.78 3.28
C GLY A 438 -9.30 16.46 4.54
N LEU A 439 -8.58 15.72 5.40
CA LEU A 439 -8.00 16.24 6.66
C LEU A 439 -6.51 16.53 6.45
N ASN A 440 -6.11 17.79 6.63
CA ASN A 440 -4.71 18.29 6.52
C ASN A 440 -4.14 18.42 7.94
N HIS A 441 -3.39 17.41 8.41
CA HIS A 441 -2.92 17.29 9.81
C HIS A 441 -4.13 17.42 10.76
N PHE A 442 -5.22 16.73 10.43
CA PHE A 442 -6.49 16.60 11.20
C PHE A 442 -7.43 17.81 10.96
N VAL A 443 -7.00 18.83 10.22
CA VAL A 443 -7.83 20.03 9.90
C VAL A 443 -8.55 19.78 8.57
N PRO A 444 -9.90 19.81 8.54
CA PRO A 444 -10.65 19.59 7.30
C PRO A 444 -10.55 20.81 6.39
N ASP A 445 -9.99 20.66 5.18
CA ASP A 445 -9.67 21.81 4.30
C ASP A 445 -9.96 21.55 2.82
N ARG A 446 -10.63 20.45 2.47
N ARG A 446 -10.63 20.45 2.47
CA ARG A 446 -10.96 20.10 1.06
CA ARG A 446 -10.96 20.10 1.06
C ARG A 446 -11.99 18.97 1.03
C ARG A 446 -11.99 18.97 1.03
N LEU A 447 -12.69 18.83 -0.11
CA LEU A 447 -13.62 17.72 -0.39
C LEU A 447 -13.01 16.88 -1.51
N CYS A 448 -13.11 15.55 -1.40
N CYS A 448 -13.11 15.55 -1.40
CA CYS A 448 -12.45 14.58 -2.31
CA CYS A 448 -12.45 14.58 -2.31
C CYS A 448 -13.48 13.58 -2.87
C CYS A 448 -13.49 13.59 -2.87
N LYS A 449 -13.28 13.19 -4.12
CA LYS A 449 -14.00 12.06 -4.76
C LYS A 449 -12.94 11.05 -5.20
N LEU A 450 -13.14 9.77 -4.89
CA LEU A 450 -12.22 8.67 -5.22
C LEU A 450 -12.96 7.65 -6.09
N ASN A 451 -12.40 7.32 -7.26
CA ASN A 451 -12.76 6.13 -8.05
C ASN A 451 -11.96 4.95 -7.47
N VAL A 452 -12.63 4.04 -6.77
CA VAL A 452 -11.97 2.93 -6.01
C VAL A 452 -11.44 1.86 -6.98
N LYS A 453 -11.86 1.89 -8.25
CA LYS A 453 -11.39 0.93 -9.30
C LYS A 453 -10.12 1.45 -9.98
N THR A 454 -10.07 2.74 -10.35
CA THR A 454 -8.97 3.36 -11.11
C THR A 454 -8.04 4.17 -10.19
N LYS A 455 -8.51 4.55 -9.00
CA LYS A 455 -7.77 5.36 -7.99
C LYS A 455 -7.66 6.83 -8.45
N GLU A 456 -8.37 7.21 -9.51
CA GLU A 456 -8.49 8.63 -9.94
C GLU A 456 -9.18 9.41 -8.81
N THR A 457 -8.74 10.64 -8.55
CA THR A 457 -9.31 11.53 -7.51
C THR A 457 -9.74 12.86 -8.15
N TRP A 458 -10.77 13.49 -7.58
CA TRP A 458 -11.18 14.89 -7.82
C TRP A 458 -11.13 15.62 -6.48
N VAL A 459 -10.79 16.90 -6.49
CA VAL A 459 -10.68 17.73 -5.26
C VAL A 459 -11.41 19.05 -5.47
N TRP A 460 -12.18 19.47 -4.46
CA TRP A 460 -12.66 20.87 -4.29
C TRP A 460 -11.95 21.45 -3.06
N GLN A 461 -11.38 22.64 -3.20
N GLN A 461 -11.38 22.64 -3.20
CA GLN A 461 -10.66 23.36 -2.11
CA GLN A 461 -10.66 23.35 -2.11
C GLN A 461 -10.63 24.86 -2.43
C GLN A 461 -10.63 24.85 -2.42
N GLU A 462 -10.83 25.69 -1.39
CA GLU A 462 -10.68 27.16 -1.47
C GLU A 462 -9.89 27.61 -0.25
N PRO A 463 -8.95 28.58 -0.38
CA PRO A 463 -8.19 29.09 0.77
C PRO A 463 -9.11 29.55 1.90
N ASP A 464 -8.74 29.25 3.15
CA ASP A 464 -9.42 29.72 4.39
C ASP A 464 -10.87 29.23 4.40
N SER A 465 -11.14 28.06 3.81
CA SER A 465 -12.47 27.40 3.75
C SER A 465 -12.35 25.97 4.27
N TYR A 466 -13.11 25.64 5.32
CA TYR A 466 -13.00 24.38 6.10
C TYR A 466 -14.33 23.64 6.01
N PRO A 467 -14.46 22.67 5.07
CA PRO A 467 -15.73 21.98 4.83
C PRO A 467 -16.01 20.86 5.84
N SER A 468 -17.22 20.28 5.75
CA SER A 468 -17.69 19.13 6.55
C SER A 468 -17.78 17.90 5.66
N GLU A 469 -18.07 16.74 6.25
CA GLU A 469 -18.40 15.48 5.52
C GLU A 469 -19.30 15.81 4.34
N PRO A 470 -18.98 15.37 3.11
CA PRO A 470 -19.86 15.54 1.96
C PRO A 470 -20.93 14.44 1.96
N ILE A 471 -22.20 14.82 1.83
CA ILE A 471 -23.34 13.85 1.75
C ILE A 471 -23.86 13.86 0.32
N PHE A 472 -23.92 12.68 -0.31
CA PHE A 472 -24.36 12.48 -1.71
C PHE A 472 -25.88 12.43 -1.75
N VAL A 473 -26.48 13.18 -2.68
CA VAL A 473 -27.94 13.11 -3.01
C VAL A 473 -28.04 12.81 -4.50
N SER A 474 -28.62 11.67 -4.84
CA SER A 474 -28.87 11.23 -6.24
C SER A 474 -29.90 12.15 -6.87
N HIS A 475 -29.76 12.42 -8.18
CA HIS A 475 -30.91 12.85 -9.02
C HIS A 475 -31.98 11.76 -8.93
N PRO A 476 -33.26 12.09 -8.63
CA PRO A 476 -34.26 11.06 -8.36
C PRO A 476 -34.44 10.02 -9.47
N ASP A 477 -34.10 10.40 -10.72
CA ASP A 477 -34.25 9.54 -11.93
C ASP A 477 -32.87 9.07 -12.42
N ALA A 478 -31.85 9.09 -11.56
CA ALA A 478 -30.46 8.70 -11.90
C ALA A 478 -30.41 7.20 -12.16
N LEU A 479 -29.77 6.78 -13.27
CA LEU A 479 -29.35 5.39 -13.55
C LEU A 479 -27.87 5.19 -13.20
N GLU A 480 -27.04 6.24 -13.32
CA GLU A 480 -25.58 6.21 -13.06
C GLU A 480 -25.30 6.46 -11.57
N GLU A 481 -24.14 6.00 -11.09
CA GLU A 481 -23.79 5.93 -9.65
C GLU A 481 -23.56 7.33 -9.09
N ASP A 482 -22.98 8.23 -9.89
CA ASP A 482 -22.51 9.57 -9.43
C ASP A 482 -23.34 10.67 -10.11
N ASP A 483 -24.56 10.35 -10.53
CA ASP A 483 -25.52 11.34 -11.13
C ASP A 483 -26.27 12.04 -10.00
N GLY A 484 -25.73 13.16 -9.52
CA GLY A 484 -26.34 13.94 -8.42
C GLY A 484 -25.39 15.00 -7.90
N VAL A 485 -25.56 15.39 -6.63
CA VAL A 485 -24.75 16.46 -5.97
C VAL A 485 -24.21 15.92 -4.65
N VAL A 486 -23.19 16.57 -4.11
CA VAL A 486 -22.76 16.40 -2.69
C VAL A 486 -22.98 17.73 -1.98
N LEU A 487 -23.49 17.66 -0.75
CA LEU A 487 -23.74 18.82 0.14
C LEU A 487 -22.67 18.82 1.24
N SER A 488 -22.04 19.97 1.48
CA SER A 488 -21.05 20.18 2.58
C SER A 488 -21.30 21.53 3.23
N VAL A 489 -21.21 21.59 4.57
CA VAL A 489 -21.28 22.85 5.36
C VAL A 489 -19.86 23.37 5.53
N VAL A 490 -19.60 24.59 5.06
CA VAL A 490 -18.23 25.19 4.97
C VAL A 490 -18.15 26.39 5.91
N VAL A 491 -17.07 26.46 6.72
CA VAL A 491 -16.68 27.63 7.55
C VAL A 491 -15.64 28.42 6.76
N SER A 492 -15.85 29.74 6.60
CA SER A 492 -15.00 30.67 5.80
C SER A 492 -14.89 32.01 6.52
N PRO A 493 -14.22 32.07 7.69
CA PRO A 493 -14.27 33.26 8.55
C PRO A 493 -13.37 34.43 8.14
N GLY A 494 -12.70 34.36 7.00
CA GLY A 494 -11.87 35.45 6.44
C GLY A 494 -12.64 36.77 6.39
N ALA A 495 -12.01 37.86 6.83
CA ALA A 495 -12.61 39.22 6.90
C ALA A 495 -13.09 39.66 5.52
N GLY A 496 -14.25 40.31 5.45
CA GLY A 496 -14.91 40.73 4.19
C GLY A 496 -15.54 39.56 3.46
N GLN A 497 -15.97 38.53 4.18
CA GLN A 497 -16.64 37.32 3.64
C GLN A 497 -17.73 36.86 4.62
N LYS A 498 -18.73 36.12 4.11
CA LYS A 498 -19.77 35.45 4.92
C LYS A 498 -19.10 34.35 5.75
N PRO A 499 -19.39 34.24 7.07
CA PRO A 499 -18.65 33.34 7.96
C PRO A 499 -18.83 31.83 7.69
N ALA A 500 -19.93 31.43 7.04
CA ALA A 500 -20.24 30.01 6.73
C ALA A 500 -21.23 29.94 5.55
N TYR A 501 -21.28 28.80 4.87
CA TYR A 501 -22.22 28.54 3.76
C TYR A 501 -22.40 27.03 3.53
N LEU A 502 -23.58 26.66 3.03
CA LEU A 502 -23.88 25.32 2.46
C LEU A 502 -23.32 25.29 1.04
N LEU A 503 -22.42 24.35 0.75
CA LEU A 503 -21.80 24.16 -0.59
C LEU A 503 -22.52 23.01 -1.30
N ILE A 504 -22.91 23.22 -2.56
CA ILE A 504 -23.46 22.17 -3.46
C ILE A 504 -22.48 21.98 -4.63
N LEU A 505 -21.89 20.79 -4.73
CA LEU A 505 -20.98 20.39 -5.83
C LEU A 505 -21.69 19.36 -6.72
N ASN A 506 -21.40 19.38 -8.03
CA ASN A 506 -21.75 18.30 -8.97
C ASN A 506 -20.93 17.06 -8.58
N ALA A 507 -21.59 15.93 -8.34
CA ALA A 507 -20.97 14.66 -7.88
C ALA A 507 -20.06 14.09 -8.99
N LYS A 508 -20.27 14.47 -10.25
CA LYS A 508 -19.48 13.99 -11.42
C LYS A 508 -18.01 14.39 -11.28
N ASP A 509 -17.72 15.66 -11.01
CA ASP A 509 -16.35 16.23 -11.05
C ASP A 509 -16.07 17.16 -9.86
N LEU A 510 -16.97 17.22 -8.87
CA LEU A 510 -16.90 18.14 -7.70
C LEU A 510 -16.76 19.60 -8.14
N SER A 511 -17.34 19.96 -9.30
CA SER A 511 -17.47 21.36 -9.77
C SER A 511 -18.60 22.05 -8.99
N GLU A 512 -18.41 23.31 -8.61
CA GLU A 512 -19.37 24.07 -7.77
C GLU A 512 -20.66 24.32 -8.56
N VAL A 513 -21.81 24.04 -7.95
CA VAL A 513 -23.17 24.22 -8.53
C VAL A 513 -23.83 25.46 -7.88
N ALA A 514 -23.70 25.60 -6.56
CA ALA A 514 -24.31 26.70 -5.79
C ALA A 514 -23.71 26.78 -4.37
N ARG A 515 -23.94 27.91 -3.70
CA ARG A 515 -23.73 28.10 -2.24
C ARG A 515 -24.97 28.76 -1.65
N ALA A 516 -25.32 28.40 -0.40
CA ALA A 516 -26.33 29.09 0.44
C ALA A 516 -25.60 29.71 1.64
N GLU A 517 -25.32 31.01 1.57
CA GLU A 517 -24.49 31.76 2.56
C GLU A 517 -25.35 32.20 3.75
N VAL A 518 -24.81 32.12 4.96
CA VAL A 518 -25.42 32.62 6.22
C VAL A 518 -24.43 33.60 6.87
N GLU A 519 -24.92 34.48 7.75
CA GLU A 519 -24.13 35.59 8.34
C GLU A 519 -23.75 35.26 9.79
N ILE A 520 -23.80 33.97 10.16
CA ILE A 520 -23.42 33.46 11.51
C ILE A 520 -22.44 32.29 11.35
N ASN A 521 -21.61 32.04 12.37
CA ASN A 521 -20.64 30.92 12.40
C ASN A 521 -21.42 29.60 12.52
N ILE A 522 -20.86 28.52 11.98
CA ILE A 522 -21.34 27.12 12.17
C ILE A 522 -20.15 26.29 12.66
N PRO A 523 -20.17 25.74 13.89
CA PRO A 523 -19.07 24.93 14.38
C PRO A 523 -19.03 23.57 13.66
N VAL A 524 -17.99 22.78 13.93
CA VAL A 524 -17.74 21.45 13.31
C VAL A 524 -18.99 20.58 13.45
N THR A 525 -19.36 19.89 12.38
CA THR A 525 -20.35 18.77 12.38
C THR A 525 -19.64 17.50 11.90
N PHE A 526 -20.03 16.35 12.44
CA PHE A 526 -19.40 15.03 12.15
C PHE A 526 -20.20 14.34 11.04
N HIS A 527 -21.44 13.94 11.34
CA HIS A 527 -22.28 13.11 10.46
C HIS A 527 -23.70 13.66 10.37
N GLY A 528 -24.46 13.15 9.42
CA GLY A 528 -25.87 13.52 9.18
C GLY A 528 -26.46 12.73 8.04
N LEU A 529 -27.57 13.23 7.50
CA LEU A 529 -28.30 12.59 6.36
C LEU A 529 -29.06 13.68 5.59
N PHE A 530 -29.44 13.37 4.36
CA PHE A 530 -30.42 14.16 3.58
C PHE A 530 -31.77 13.44 3.66
N LYS A 531 -32.77 14.13 4.21
CA LYS A 531 -34.18 13.66 4.35
C LYS A 531 -34.98 14.25 3.19
N LYS A 532 -35.30 13.44 2.18
CA LYS A 532 -36.09 13.86 0.99
C LYS A 532 -37.54 14.10 1.41
N SER A 533 -38.15 15.17 0.89
CA SER A 533 -39.57 15.55 1.12
C SER A 533 -40.27 15.79 -0.21
N SER B 3 -7.29 -2.00 -19.54
CA SER B 3 -7.65 -3.35 -19.03
C SER B 3 -6.52 -4.35 -19.34
N GLN B 4 -6.76 -5.64 -19.12
CA GLN B 4 -5.79 -6.76 -19.29
C GLN B 4 -5.26 -6.77 -20.74
N VAL B 5 -3.93 -6.76 -20.89
CA VAL B 5 -3.23 -7.02 -22.20
C VAL B 5 -3.08 -8.55 -22.34
N GLU B 6 -3.46 -9.09 -23.50
CA GLU B 6 -3.50 -10.55 -23.77
C GLU B 6 -2.39 -10.92 -24.76
N HIS B 7 -1.90 -12.16 -24.67
CA HIS B 7 -0.80 -12.72 -25.50
C HIS B 7 -1.20 -14.09 -26.04
N PRO B 8 -2.38 -14.23 -26.72
CA PRO B 8 -2.86 -15.53 -27.19
C PRO B 8 -1.91 -16.24 -28.18
N ALA B 9 -1.19 -15.47 -28.99
CA ALA B 9 -0.26 -15.98 -30.04
C ALA B 9 0.91 -16.75 -29.39
N GLY B 10 1.23 -16.46 -28.13
CA GLY B 10 2.19 -17.22 -27.30
C GLY B 10 3.63 -17.00 -27.73
N GLY B 11 3.96 -15.82 -28.26
CA GLY B 11 5.30 -15.45 -28.77
C GLY B 11 6.37 -15.51 -27.69
N TYR B 12 5.99 -15.31 -26.42
CA TYR B 12 6.89 -15.29 -25.23
C TYR B 12 7.65 -16.62 -25.09
N LYS B 13 7.15 -17.70 -25.70
CA LYS B 13 7.79 -19.05 -25.68
C LYS B 13 9.21 -18.98 -26.25
N LYS B 14 9.46 -18.05 -27.18
CA LYS B 14 10.77 -17.85 -27.86
C LYS B 14 11.83 -17.34 -26.87
N LEU B 15 11.42 -16.74 -25.75
CA LEU B 15 12.33 -16.32 -24.64
C LEU B 15 13.05 -17.55 -24.05
N PHE B 16 12.43 -18.73 -24.15
CA PHE B 16 12.87 -19.98 -23.47
C PHE B 16 13.22 -21.06 -24.51
N GLU B 17 13.60 -20.64 -25.73
CA GLU B 17 13.97 -21.55 -26.84
C GLU B 17 15.48 -21.45 -27.07
N THR B 18 16.17 -22.59 -27.16
CA THR B 18 17.62 -22.71 -27.43
C THR B 18 17.97 -21.93 -28.70
N VAL B 19 19.14 -21.28 -28.71
CA VAL B 19 19.76 -20.62 -29.89
C VAL B 19 21.20 -21.12 -30.03
N GLU B 20 21.80 -20.91 -31.20
CA GLU B 20 23.24 -21.15 -31.45
C GLU B 20 23.99 -19.83 -31.29
N GLU B 21 25.20 -19.87 -30.74
CA GLU B 21 26.12 -18.70 -30.65
C GLU B 21 26.58 -18.32 -32.06
N LEU B 22 27.11 -17.11 -32.21
CA LEU B 22 27.67 -16.59 -33.49
C LEU B 22 29.19 -16.77 -33.47
N SER B 23 29.80 -16.88 -34.66
CA SER B 23 31.28 -16.95 -34.85
C SER B 23 31.87 -15.54 -34.76
N SER B 24 31.17 -14.54 -35.32
CA SER B 24 31.56 -13.11 -35.30
C SER B 24 30.32 -12.23 -35.25
N PRO B 25 30.43 -10.94 -34.85
CA PRO B 25 29.27 -10.05 -34.76
C PRO B 25 28.50 -9.87 -36.09
N LEU B 26 27.17 -9.77 -36.00
CA LEU B 26 26.26 -9.43 -37.12
C LEU B 26 25.99 -7.92 -37.11
N THR B 27 25.83 -7.32 -38.29
CA THR B 27 25.35 -5.91 -38.45
C THR B 27 23.83 -5.90 -38.30
N ALA B 28 23.31 -5.06 -37.41
CA ALA B 28 21.86 -4.92 -37.12
C ALA B 28 21.28 -3.80 -38.00
N HIS B 29 20.07 -4.01 -38.54
CA HIS B 29 19.33 -3.02 -39.36
C HIS B 29 18.74 -1.95 -38.44
N VAL B 30 19.16 -0.70 -38.61
CA VAL B 30 18.75 0.46 -37.76
C VAL B 30 17.47 1.08 -38.35
N THR B 31 16.44 1.23 -37.53
CA THR B 31 15.26 2.11 -37.78
C THR B 31 15.31 3.25 -36.76
N GLY B 32 14.83 4.44 -37.13
CA GLY B 32 14.99 5.68 -36.33
C GLY B 32 16.45 6.12 -36.32
N ARG B 33 16.89 6.75 -35.23
CA ARG B 33 18.26 7.33 -35.10
C ARG B 33 18.90 6.84 -33.80
N ILE B 34 19.93 6.01 -33.91
CA ILE B 34 20.83 5.62 -32.78
C ILE B 34 21.59 6.88 -32.36
N PRO B 35 21.47 7.33 -31.09
CA PRO B 35 22.20 8.52 -30.64
C PRO B 35 23.70 8.44 -30.94
N LEU B 36 24.29 9.50 -31.48
CA LEU B 36 25.71 9.54 -31.93
C LEU B 36 26.64 9.63 -30.72
N TRP B 37 26.12 10.06 -29.56
CA TRP B 37 26.86 10.11 -28.27
C TRP B 37 26.88 8.72 -27.61
N LEU B 38 26.04 7.79 -28.07
CA LEU B 38 25.98 6.40 -27.54
C LEU B 38 27.11 5.58 -28.17
N THR B 39 28.22 5.44 -27.43
CA THR B 39 29.45 4.73 -27.86
C THR B 39 29.86 3.75 -26.76
N GLY B 40 29.79 2.45 -27.05
CA GLY B 40 30.14 1.39 -26.09
C GLY B 40 29.39 0.10 -26.36
N SER B 41 29.31 -0.78 -25.35
CA SER B 41 28.79 -2.17 -25.44
C SER B 41 27.70 -2.38 -24.38
N LEU B 42 26.50 -2.79 -24.81
CA LEU B 42 25.47 -3.37 -23.90
C LEU B 42 25.80 -4.85 -23.75
N LEU B 43 26.31 -5.24 -22.58
CA LEU B 43 26.61 -6.65 -22.21
C LEU B 43 25.48 -7.17 -21.32
N ARG B 44 24.86 -8.30 -21.69
CA ARG B 44 23.74 -8.92 -20.94
C ARG B 44 23.95 -10.44 -20.89
N CYS B 45 23.50 -11.06 -19.78
CA CYS B 45 23.58 -12.52 -19.54
C CYS B 45 22.19 -13.13 -19.45
N GLY B 46 22.03 -14.35 -19.95
CA GLY B 46 20.80 -15.13 -19.88
C GLY B 46 21.05 -16.59 -20.25
N PRO B 47 20.05 -17.49 -20.05
CA PRO B 47 20.14 -18.86 -20.55
C PRO B 47 20.02 -18.86 -22.08
N GLY B 48 20.80 -19.71 -22.75
CA GLY B 48 20.82 -19.85 -24.22
C GLY B 48 20.58 -21.29 -24.68
N LEU B 49 20.89 -22.27 -23.82
CA LEU B 49 20.75 -23.73 -24.10
C LEU B 49 19.88 -24.35 -23.00
N PHE B 50 18.64 -24.74 -23.35
CA PHE B 50 17.60 -25.17 -22.38
C PHE B 50 17.45 -26.69 -22.36
N GLU B 51 18.33 -27.40 -23.09
CA GLU B 51 18.42 -28.89 -23.05
C GLU B 51 19.79 -29.31 -23.60
N VAL B 52 20.33 -30.40 -23.06
CA VAL B 52 21.57 -31.09 -23.57
C VAL B 52 21.12 -32.39 -24.26
N GLY B 53 20.95 -32.34 -25.59
CA GLY B 53 20.39 -33.43 -26.39
C GLY B 53 18.94 -33.69 -26.04
N SER B 54 18.65 -34.85 -25.43
CA SER B 54 17.30 -35.29 -25.02
C SER B 54 17.04 -34.99 -23.53
N GLU B 55 18.07 -34.56 -22.79
CA GLU B 55 17.99 -34.22 -21.34
C GLU B 55 17.58 -32.76 -21.21
N PRO B 56 16.38 -32.47 -20.66
CA PRO B 56 15.91 -31.10 -20.51
C PRO B 56 16.37 -30.42 -19.22
N PHE B 57 16.56 -29.10 -19.25
CA PHE B 57 16.60 -28.21 -18.07
C PHE B 57 15.15 -27.83 -17.73
N TYR B 58 14.79 -27.79 -16.45
CA TYR B 58 13.39 -27.65 -15.97
C TYR B 58 13.06 -26.21 -15.57
N HIS B 59 14.03 -25.49 -14.97
CA HIS B 59 13.79 -24.15 -14.36
C HIS B 59 14.38 -23.03 -15.23
N LEU B 60 13.81 -21.83 -15.09
CA LEU B 60 14.22 -20.59 -15.80
C LEU B 60 15.71 -20.31 -15.57
N PHE B 61 16.27 -20.69 -14.41
CA PHE B 61 17.66 -20.36 -13.99
C PHE B 61 18.60 -21.56 -14.20
N ASP B 62 18.27 -22.47 -15.13
CA ASP B 62 19.03 -23.72 -15.40
C ASP B 62 19.78 -23.64 -16.74
N GLY B 63 19.18 -23.02 -17.76
CA GLY B 63 19.76 -22.89 -19.11
C GLY B 63 21.19 -22.38 -19.07
N GLN B 64 22.05 -22.83 -19.99
CA GLN B 64 23.51 -22.56 -19.95
C GLN B 64 23.78 -21.10 -20.34
N ALA B 65 24.65 -20.43 -19.58
CA ALA B 65 24.96 -18.99 -19.66
C ALA B 65 25.33 -18.62 -21.09
N LEU B 66 24.64 -17.61 -21.63
CA LEU B 66 24.89 -17.01 -22.97
C LEU B 66 25.19 -15.52 -22.76
N LEU B 67 26.38 -15.07 -23.19
CA LEU B 67 26.83 -13.66 -23.07
C LEU B 67 26.50 -12.93 -24.37
N HIS B 68 25.70 -11.86 -24.27
CA HIS B 68 25.20 -11.04 -25.41
C HIS B 68 25.94 -9.70 -25.42
N LYS B 69 26.16 -9.13 -26.61
CA LYS B 69 26.79 -7.80 -26.78
C LYS B 69 26.16 -7.07 -27.98
N PHE B 70 25.58 -5.90 -27.73
CA PHE B 70 25.25 -4.88 -28.75
C PHE B 70 26.30 -3.77 -28.68
N ASP B 71 27.06 -3.59 -29.75
CA ASP B 71 28.10 -2.53 -29.87
C ASP B 71 27.50 -1.34 -30.62
N PHE B 72 27.66 -0.14 -30.07
CA PHE B 72 27.18 1.15 -30.65
C PHE B 72 28.40 2.00 -31.03
N LYS B 73 28.43 2.50 -32.26
CA LYS B 73 29.44 3.46 -32.76
C LYS B 73 28.90 4.20 -33.99
N GLU B 74 28.87 5.54 -33.92
CA GLU B 74 28.53 6.46 -35.04
C GLU B 74 27.17 6.07 -35.64
N GLY B 75 26.21 5.69 -34.80
CA GLY B 75 24.81 5.41 -35.20
C GLY B 75 24.62 4.03 -35.82
N HIS B 76 25.63 3.16 -35.74
CA HIS B 76 25.63 1.78 -36.30
C HIS B 76 25.69 0.79 -35.13
N VAL B 77 25.05 -0.38 -35.28
CA VAL B 77 24.90 -1.40 -34.22
C VAL B 77 25.30 -2.78 -34.77
N THR B 78 26.12 -3.51 -34.02
CA THR B 78 26.42 -4.95 -34.24
C THR B 78 25.90 -5.75 -33.04
N TYR B 79 25.50 -7.00 -33.29
CA TYR B 79 25.08 -7.98 -32.25
C TYR B 79 26.01 -9.20 -32.31
N HIS B 80 26.45 -9.66 -31.14
CA HIS B 80 27.32 -10.86 -30.98
C HIS B 80 26.88 -11.62 -29.71
N ARG B 81 26.92 -12.95 -29.75
CA ARG B 81 26.65 -13.80 -28.57
C ARG B 81 27.60 -15.01 -28.60
N ARG B 82 28.10 -15.38 -27.42
CA ARG B 82 28.96 -16.56 -27.18
C ARG B 82 28.52 -17.23 -25.88
N PHE B 83 28.37 -18.55 -25.88
CA PHE B 83 28.16 -19.36 -24.65
C PHE B 83 29.41 -19.20 -23.77
N ILE B 84 29.20 -19.01 -22.46
CA ILE B 84 30.31 -18.92 -21.47
C ILE B 84 30.84 -20.34 -21.25
N ARG B 85 32.15 -20.54 -21.46
CA ARG B 85 32.82 -21.85 -21.28
C ARG B 85 33.03 -22.09 -19.79
N THR B 86 31.93 -22.31 -19.07
CA THR B 86 31.89 -22.73 -17.64
C THR B 86 32.21 -24.22 -17.58
N ASP B 87 32.54 -24.74 -16.38
CA ASP B 87 32.64 -26.20 -16.13
C ASP B 87 31.33 -26.87 -16.57
N ALA B 88 30.19 -26.29 -16.18
CA ALA B 88 28.83 -26.79 -16.48
C ALA B 88 28.66 -26.97 -17.99
N TYR B 89 29.00 -25.94 -18.78
CA TYR B 89 28.84 -25.94 -20.26
C TYR B 89 29.84 -26.89 -20.91
N VAL B 90 31.14 -26.74 -20.58
CA VAL B 90 32.27 -27.51 -21.17
C VAL B 90 32.01 -29.01 -20.97
N ARG B 91 31.73 -29.43 -19.74
CA ARG B 91 31.53 -30.85 -19.37
C ARG B 91 30.25 -31.39 -20.03
N ALA B 92 29.24 -30.52 -20.24
CA ALA B 92 27.97 -30.87 -20.91
C ALA B 92 28.23 -31.16 -22.40
N MET B 93 29.07 -30.34 -23.05
CA MET B 93 29.43 -30.51 -24.48
C MET B 93 30.32 -31.75 -24.65
N THR B 94 31.22 -32.00 -23.68
CA THR B 94 32.16 -33.15 -23.64
C THR B 94 31.38 -34.46 -23.53
N GLU B 95 30.54 -34.59 -22.49
CA GLU B 95 29.83 -35.85 -22.13
C GLU B 95 28.48 -35.94 -22.84
N LYS B 96 28.04 -34.88 -23.52
CA LYS B 96 26.77 -34.81 -24.30
C LYS B 96 25.59 -35.16 -23.38
N ARG B 97 25.62 -34.67 -22.14
CA ARG B 97 24.56 -34.86 -21.12
C ARG B 97 24.67 -33.73 -20.08
N ILE B 98 23.71 -33.65 -19.14
CA ILE B 98 23.77 -32.72 -17.98
C ILE B 98 24.69 -33.33 -16.92
N VAL B 99 25.84 -32.69 -16.67
CA VAL B 99 26.90 -33.20 -15.76
C VAL B 99 26.75 -32.55 -14.39
N ILE B 100 26.64 -31.21 -14.34
CA ILE B 100 26.53 -30.41 -13.10
C ILE B 100 25.05 -30.15 -12.80
N THR B 101 24.62 -30.36 -11.55
CA THR B 101 23.25 -30.05 -11.06
C THR B 101 23.04 -28.53 -11.14
N GLU B 102 21.96 -28.11 -11.80
CA GLU B 102 21.56 -26.67 -11.91
C GLU B 102 20.48 -26.37 -10.87
N PHE B 103 20.09 -25.11 -10.75
CA PHE B 103 19.14 -24.59 -9.73
C PHE B 103 17.97 -25.56 -9.54
N GLY B 104 17.27 -25.91 -10.63
CA GLY B 104 16.07 -26.76 -10.60
C GLY B 104 16.16 -27.98 -11.51
N THR B 105 17.38 -28.48 -11.77
CA THR B 105 17.62 -29.69 -12.61
C THR B 105 18.78 -30.50 -12.01
N CYS B 106 18.46 -31.65 -11.41
N CYS B 106 18.47 -31.66 -11.42
CA CYS B 106 19.44 -32.64 -10.87
CA CYS B 106 19.46 -32.60 -10.85
C CYS B 106 20.16 -33.34 -12.03
C CYS B 106 20.15 -33.37 -11.99
N ALA B 107 21.48 -33.43 -11.97
CA ALA B 107 22.30 -34.23 -12.91
C ALA B 107 22.40 -35.66 -12.36
N PHE B 108 22.38 -36.66 -13.25
CA PHE B 108 22.50 -38.10 -12.91
C PHE B 108 23.71 -38.68 -13.64
N PRO B 109 24.44 -39.66 -13.05
CA PRO B 109 25.66 -40.21 -13.66
C PRO B 109 25.45 -40.76 -15.08
N GLY B 125 32.95 -33.96 -3.99
CA GLY B 125 31.63 -34.61 -4.10
C GLY B 125 30.57 -33.65 -4.64
N VAL B 126 30.21 -32.65 -3.84
CA VAL B 126 29.19 -31.61 -4.21
C VAL B 126 29.83 -30.64 -5.22
N GLU B 127 29.61 -30.89 -6.52
CA GLU B 127 30.08 -30.03 -7.65
C GLU B 127 29.08 -28.88 -7.83
N VAL B 128 29.37 -27.71 -7.24
CA VAL B 128 28.50 -26.51 -7.27
C VAL B 128 28.56 -25.90 -8.68
N THR B 129 27.40 -25.47 -9.21
CA THR B 129 27.25 -24.90 -10.57
C THR B 129 28.00 -23.57 -10.65
N ASP B 130 28.65 -23.32 -11.79
CA ASP B 130 29.30 -22.04 -12.17
C ASP B 130 28.59 -21.46 -13.39
N ASN B 131 27.36 -21.91 -13.67
CA ASN B 131 26.51 -21.44 -14.80
C ASN B 131 26.17 -19.96 -14.57
N ALA B 132 27.00 -19.06 -15.12
CA ALA B 132 26.99 -17.61 -14.87
C ALA B 132 25.98 -16.92 -15.80
N LEU B 133 24.69 -17.22 -15.66
CA LEU B 133 23.64 -16.82 -16.63
C LEU B 133 22.90 -15.56 -16.17
N VAL B 134 23.26 -14.97 -15.03
CA VAL B 134 22.43 -13.94 -14.32
C VAL B 134 22.92 -12.51 -14.66
N ASN B 135 24.19 -12.19 -14.43
CA ASN B 135 24.70 -10.80 -14.52
C ASN B 135 26.19 -10.80 -14.92
N ILE B 136 26.68 -9.60 -15.25
CA ILE B 136 28.12 -9.30 -15.51
C ILE B 136 28.44 -7.96 -14.84
N TYR B 137 29.57 -7.86 -14.14
CA TYR B 137 30.00 -6.62 -13.43
C TYR B 137 31.51 -6.46 -13.48
N PRO B 138 32.02 -5.21 -13.39
CA PRO B 138 33.45 -4.94 -13.40
C PRO B 138 34.11 -5.11 -12.04
N VAL B 139 35.32 -5.68 -12.02
CA VAL B 139 36.25 -5.71 -10.86
C VAL B 139 37.63 -5.28 -11.39
N GLY B 140 38.15 -4.16 -10.90
CA GLY B 140 39.34 -3.49 -11.47
C GLY B 140 39.17 -3.26 -12.96
N GLU B 141 40.06 -3.82 -13.78
CA GLU B 141 40.05 -3.68 -15.27
C GLU B 141 39.32 -4.88 -15.90
N ASP B 142 38.85 -5.81 -15.08
CA ASP B 142 38.27 -7.11 -15.50
C ASP B 142 36.73 -7.07 -15.45
N TYR B 143 36.08 -7.98 -16.16
CA TYR B 143 34.60 -8.19 -16.15
C TYR B 143 34.31 -9.66 -15.80
N TYR B 144 33.34 -9.87 -14.91
CA TYR B 144 32.94 -11.19 -14.38
C TYR B 144 31.45 -11.42 -14.62
N ALA B 145 31.11 -12.46 -15.37
CA ALA B 145 29.77 -13.08 -15.41
C ALA B 145 29.58 -13.85 -14.10
N CYS B 146 28.36 -13.90 -13.57
CA CYS B 146 28.06 -14.55 -12.27
C CYS B 146 26.68 -15.21 -12.28
N THR B 147 26.50 -16.17 -11.38
CA THR B 147 25.20 -16.62 -10.84
C THR B 147 25.18 -16.17 -9.38
N GLU B 148 24.83 -17.04 -8.43
CA GLU B 148 24.75 -16.68 -6.99
C GLU B 148 25.56 -17.65 -6.13
N THR B 149 26.50 -18.38 -6.74
CA THR B 149 27.37 -19.38 -6.07
C THR B 149 28.73 -18.74 -5.76
N ASN B 150 29.69 -19.57 -5.35
CA ASN B 150 31.09 -19.13 -5.01
C ASN B 150 31.89 -18.91 -6.30
N PHE B 151 31.40 -19.42 -7.44
CA PHE B 151 32.10 -19.39 -8.76
C PHE B 151 31.60 -18.21 -9.60
N ILE B 152 32.51 -17.29 -9.95
CA ILE B 152 32.29 -16.24 -10.98
C ILE B 152 33.28 -16.50 -12.13
N THR B 153 32.90 -16.10 -13.34
CA THR B 153 33.65 -16.39 -14.60
C THR B 153 34.16 -15.09 -15.21
N LYS B 154 35.48 -14.91 -15.25
CA LYS B 154 36.16 -13.79 -15.94
C LYS B 154 35.93 -13.95 -17.44
N VAL B 155 35.44 -12.90 -18.11
CA VAL B 155 35.08 -12.90 -19.56
C VAL B 155 35.72 -11.68 -20.23
N ASN B 156 36.02 -11.81 -21.52
CA ASN B 156 36.56 -10.72 -22.39
C ASN B 156 35.37 -9.92 -22.92
N PRO B 157 35.20 -8.65 -22.52
CA PRO B 157 34.03 -7.86 -22.93
C PRO B 157 34.01 -7.46 -24.40
N GLU B 158 35.14 -7.61 -25.10
CA GLU B 158 35.30 -7.25 -26.55
C GLU B 158 35.00 -8.48 -27.43
N THR B 159 35.55 -9.64 -27.09
CA THR B 159 35.46 -10.90 -27.90
C THR B 159 34.39 -11.83 -27.34
N LEU B 160 33.99 -11.64 -26.07
CA LEU B 160 33.03 -12.51 -25.32
C LEU B 160 33.66 -13.89 -25.07
N GLU B 161 34.98 -13.97 -25.09
CA GLU B 161 35.75 -15.20 -24.78
C GLU B 161 35.76 -15.41 -23.26
N THR B 162 35.69 -16.66 -22.81
CA THR B 162 35.79 -17.07 -21.38
C THR B 162 37.27 -17.16 -21.00
N ILE B 163 37.69 -16.42 -19.97
CA ILE B 163 39.12 -16.29 -19.57
C ILE B 163 39.43 -17.29 -18.45
N LYS B 164 38.67 -17.26 -17.34
CA LYS B 164 39.00 -18.05 -16.13
C LYS B 164 37.78 -18.20 -15.22
N GLN B 165 37.73 -19.29 -14.46
CA GLN B 165 36.81 -19.51 -13.32
C GLN B 165 37.50 -19.04 -12.04
N VAL B 166 36.81 -18.27 -11.21
CA VAL B 166 37.31 -17.73 -9.91
C VAL B 166 36.41 -18.27 -8.79
N ASP B 167 37.02 -18.88 -7.78
CA ASP B 167 36.33 -19.40 -6.56
C ASP B 167 36.52 -18.36 -5.44
N LEU B 168 35.45 -17.67 -5.06
CA LEU B 168 35.46 -16.59 -4.04
C LEU B 168 35.87 -17.17 -2.67
N CYS B 169 35.62 -18.47 -2.45
CA CYS B 169 36.00 -19.21 -1.21
C CYS B 169 37.53 -19.29 -1.05
N ASN B 170 38.28 -19.13 -2.14
CA ASN B 170 39.77 -19.08 -2.13
C ASN B 170 40.24 -17.75 -1.53
N TYR B 171 39.36 -16.75 -1.43
CA TYR B 171 39.71 -15.34 -1.07
C TYR B 171 39.01 -14.88 0.20
N VAL B 172 37.71 -15.18 0.38
CA VAL B 172 36.89 -14.67 1.52
C VAL B 172 35.95 -15.77 2.04
N SER B 173 35.50 -15.62 3.28
CA SER B 173 34.60 -16.56 4.01
C SER B 173 33.14 -16.30 3.62
N VAL B 174 32.72 -16.82 2.45
CA VAL B 174 31.30 -16.83 1.98
C VAL B 174 31.06 -18.14 1.22
N ASN B 175 29.85 -18.70 1.35
CA ASN B 175 29.39 -19.92 0.64
C ASN B 175 28.96 -19.54 -0.78
N GLY B 176 28.55 -18.28 -0.97
CA GLY B 176 28.22 -17.69 -2.28
C GLY B 176 28.16 -16.18 -2.19
N ALA B 177 27.81 -15.51 -3.29
CA ALA B 177 27.60 -14.05 -3.36
C ALA B 177 26.52 -13.75 -4.41
N THR B 178 25.74 -12.69 -4.22
CA THR B 178 24.60 -12.33 -5.11
C THR B 178 25.15 -11.93 -6.49
N ALA B 179 24.25 -11.87 -7.48
CA ALA B 179 24.52 -11.36 -8.84
C ALA B 179 24.30 -9.85 -8.89
N HIS B 180 24.16 -9.19 -7.72
CA HIS B 180 23.84 -7.75 -7.60
C HIS B 180 24.81 -7.06 -6.64
N PRO B 181 26.12 -7.08 -6.95
CA PRO B 181 27.08 -6.27 -6.19
C PRO B 181 26.81 -4.79 -6.47
N HIS B 182 27.05 -3.93 -5.48
CA HIS B 182 27.06 -2.45 -5.62
C HIS B 182 28.48 -2.03 -6.02
N ILE B 183 28.57 -1.14 -7.01
CA ILE B 183 29.86 -0.60 -7.54
C ILE B 183 29.90 0.90 -7.24
N GLU B 184 30.80 1.33 -6.35
CA GLU B 184 31.04 2.78 -6.06
C GLU B 184 31.77 3.39 -7.25
N ASN B 185 31.80 4.73 -7.34
CA ASN B 185 32.34 5.49 -8.50
C ASN B 185 33.84 5.19 -8.67
N ASP B 186 34.58 4.94 -7.58
CA ASP B 186 36.04 4.68 -7.60
C ASP B 186 36.32 3.23 -8.03
N GLY B 187 35.29 2.37 -8.12
CA GLY B 187 35.40 0.99 -8.63
C GLY B 187 35.34 -0.04 -7.50
N THR B 188 35.23 0.41 -6.25
CA THR B 188 35.04 -0.45 -5.06
C THR B 188 33.76 -1.29 -5.25
N VAL B 189 33.85 -2.60 -5.06
CA VAL B 189 32.72 -3.55 -5.20
C VAL B 189 32.32 -4.02 -3.79
N TYR B 190 31.03 -3.88 -3.46
CA TYR B 190 30.39 -4.46 -2.25
C TYR B 190 29.45 -5.57 -2.69
N ASN B 191 29.43 -6.68 -1.96
CA ASN B 191 28.47 -7.80 -2.19
C ASN B 191 28.12 -8.43 -0.84
N ILE B 192 27.07 -9.26 -0.82
CA ILE B 192 26.60 -10.01 0.39
C ILE B 192 26.49 -11.49 0.01
N GLY B 193 26.74 -12.38 0.97
CA GLY B 193 26.67 -13.84 0.79
C GLY B 193 26.40 -14.54 2.11
N ASN B 194 25.74 -15.70 2.06
CA ASN B 194 25.52 -16.61 3.22
C ASN B 194 26.90 -17.12 3.67
N CYS B 195 27.06 -17.33 4.97
N CYS B 195 27.09 -17.28 4.99
CA CYS B 195 28.28 -17.92 5.61
CA CYS B 195 28.36 -17.74 5.61
C CYS B 195 27.86 -18.82 6.78
C CYS B 195 28.05 -18.50 6.91
N ILE B 202 25.54 -19.60 11.55
CA ILE B 202 25.12 -19.07 10.21
C ILE B 202 24.96 -17.55 10.31
N ALA B 203 25.48 -16.82 9.32
CA ALA B 203 25.39 -15.34 9.22
C ALA B 203 25.48 -14.91 7.75
N TYR B 204 25.37 -13.61 7.48
CA TYR B 204 25.53 -12.99 6.14
C TYR B 204 26.71 -12.01 6.19
N ASN B 205 27.70 -12.21 5.32
CA ASN B 205 28.95 -11.41 5.28
C ASN B 205 28.87 -10.42 4.11
N ILE B 206 29.24 -9.16 4.35
CA ILE B 206 29.46 -8.13 3.31
C ILE B 206 30.92 -8.26 2.85
N VAL B 207 31.12 -8.59 1.57
CA VAL B 207 32.45 -8.65 0.90
C VAL B 207 32.75 -7.27 0.31
N LYS B 208 33.96 -6.78 0.47
CA LYS B 208 34.47 -5.52 -0.15
C LYS B 208 35.68 -5.86 -1.01
N ILE B 209 35.60 -5.60 -2.32
CA ILE B 209 36.72 -5.72 -3.29
C ILE B 209 37.18 -4.31 -3.64
N PRO B 210 38.45 -3.94 -3.35
CA PRO B 210 38.91 -2.57 -3.57
C PRO B 210 39.10 -2.26 -5.05
N PRO B 211 39.28 -0.97 -5.42
CA PRO B 211 39.66 -0.61 -6.79
C PRO B 211 41.06 -1.13 -7.15
N LEU B 212 41.39 -1.16 -8.43
CA LEU B 212 42.76 -1.51 -8.93
C LEU B 212 43.73 -0.44 -8.44
N GLN B 213 44.79 -0.84 -7.73
CA GLN B 213 45.83 0.06 -7.16
C GLN B 213 46.98 0.21 -8.16
N ALA B 214 48.00 1.00 -7.82
CA ALA B 214 49.23 1.25 -8.61
C ALA B 214 49.99 -0.07 -8.81
N ASP B 215 50.00 -0.94 -7.80
CA ASP B 215 50.67 -2.28 -7.83
C ASP B 215 50.05 -3.14 -8.94
N LYS B 216 48.80 -2.89 -9.31
CA LYS B 216 48.10 -3.44 -10.51
C LYS B 216 47.82 -4.95 -10.32
N GLU B 217 47.93 -5.48 -9.10
CA GLU B 217 47.65 -6.92 -8.80
C GLU B 217 46.15 -7.10 -8.59
N ASP B 218 45.66 -8.34 -8.78
CA ASP B 218 44.22 -8.69 -8.83
C ASP B 218 43.52 -8.15 -7.59
N PRO B 219 42.55 -7.22 -7.74
CA PRO B 219 41.76 -6.71 -6.60
C PRO B 219 41.05 -7.79 -5.78
N ILE B 220 40.68 -8.92 -6.41
CA ILE B 220 39.98 -10.06 -5.73
C ILE B 220 40.89 -10.66 -4.66
N SER B 221 42.21 -10.62 -4.85
CA SER B 221 43.23 -11.12 -3.89
C SER B 221 43.30 -10.21 -2.65
N LYS B 222 42.71 -9.01 -2.71
CA LYS B 222 42.63 -8.03 -1.59
C LYS B 222 41.21 -7.97 -1.02
N SER B 223 40.34 -8.94 -1.37
CA SER B 223 38.95 -9.06 -0.86
C SER B 223 38.98 -9.24 0.66
N GLU B 224 37.99 -8.68 1.36
CA GLU B 224 37.86 -8.76 2.85
C GLU B 224 36.38 -8.70 3.24
N ILE B 225 36.05 -9.29 4.40
CA ILE B 225 34.72 -9.16 5.07
C ILE B 225 34.76 -7.91 5.95
N VAL B 226 33.92 -6.91 5.67
CA VAL B 226 33.89 -5.60 6.37
C VAL B 226 32.89 -5.64 7.53
N VAL B 227 31.76 -6.33 7.36
CA VAL B 227 30.71 -6.43 8.43
C VAL B 227 29.88 -7.71 8.22
N GLN B 228 29.31 -8.21 9.31
CA GLN B 228 28.48 -9.45 9.35
C GLN B 228 27.10 -9.09 9.89
N PHE B 229 26.04 -9.57 9.22
CA PHE B 229 24.63 -9.49 9.69
C PHE B 229 24.27 -10.81 10.37
N PRO B 230 23.52 -10.77 11.49
CA PRO B 230 23.07 -12.00 12.15
C PRO B 230 21.93 -12.65 11.36
N CYS B 231 21.67 -13.94 11.64
CA CYS B 231 20.59 -14.74 11.01
C CYS B 231 19.45 -14.95 12.00
N SER B 232 18.20 -14.88 11.51
CA SER B 232 16.95 -15.04 12.31
C SER B 232 16.84 -16.48 12.84
N ASP B 233 17.35 -17.45 12.07
CA ASP B 233 17.30 -18.90 12.37
C ASP B 233 18.73 -19.44 12.39
N ARG B 234 19.10 -20.10 13.49
CA ARG B 234 20.48 -20.61 13.77
C ARG B 234 20.99 -21.44 12.57
N PHE B 235 20.14 -22.30 12.01
CA PHE B 235 20.54 -23.35 11.03
C PHE B 235 19.93 -23.10 9.63
N LYS B 236 19.16 -22.02 9.45
CA LYS B 236 18.45 -21.73 8.16
C LYS B 236 18.67 -20.28 7.76
N PRO B 237 19.63 -20.00 6.85
CA PRO B 237 19.79 -18.65 6.30
C PRO B 237 18.66 -18.32 5.32
N SER B 238 18.27 -17.05 5.23
CA SER B 238 17.33 -16.54 4.21
C SER B 238 18.04 -16.51 2.85
N TYR B 239 17.29 -16.75 1.78
CA TYR B 239 17.72 -16.46 0.39
C TYR B 239 17.93 -14.94 0.27
N VAL B 240 19.09 -14.52 -0.24
CA VAL B 240 19.41 -13.08 -0.47
C VAL B 240 19.78 -12.91 -1.95
N HIS B 241 19.09 -12.02 -2.65
CA HIS B 241 19.25 -11.75 -4.10
C HIS B 241 19.98 -10.42 -4.32
N SER B 242 19.78 -9.45 -3.43
CA SER B 242 20.35 -8.08 -3.52
C SER B 242 20.31 -7.41 -2.15
N PHE B 243 20.86 -6.21 -2.05
CA PHE B 243 20.96 -5.42 -0.80
C PHE B 243 21.05 -3.93 -1.14
N GLY B 244 20.87 -3.07 -0.14
CA GLY B 244 20.92 -1.61 -0.29
C GLY B 244 22.26 -1.06 0.18
N LEU B 245 22.75 0.00 -0.48
CA LEU B 245 24.00 0.71 -0.12
C LEU B 245 23.80 2.22 -0.26
N THR B 246 24.16 2.97 0.78
CA THR B 246 24.25 4.45 0.80
C THR B 246 25.70 4.81 1.11
N PRO B 247 26.10 6.10 1.05
CA PRO B 247 27.43 6.51 1.49
C PRO B 247 27.80 5.98 2.89
N ASN B 248 26.84 5.93 3.82
CA ASN B 248 27.09 5.68 5.27
C ASN B 248 26.50 4.35 5.75
N TYR B 249 25.61 3.71 4.97
CA TYR B 249 24.84 2.54 5.47
C TYR B 249 24.74 1.43 4.43
N ILE B 250 24.68 0.20 4.94
CA ILE B 250 24.35 -1.06 4.20
C ILE B 250 23.00 -1.54 4.73
N VAL B 251 22.04 -1.81 3.85
CA VAL B 251 20.68 -2.31 4.22
C VAL B 251 20.52 -3.73 3.69
N PHE B 252 20.20 -4.67 4.59
CA PHE B 252 19.94 -6.10 4.27
C PHE B 252 18.51 -6.45 4.70
N VAL B 253 17.73 -7.00 3.78
CA VAL B 253 16.32 -7.43 4.03
C VAL B 253 16.29 -8.94 4.14
N GLU B 254 16.04 -9.46 5.35
CA GLU B 254 15.95 -10.91 5.65
C GLU B 254 14.50 -11.35 5.49
N THR B 255 14.22 -12.13 4.43
CA THR B 255 12.86 -12.54 4.00
C THR B 255 12.53 -13.91 4.59
N PRO B 256 11.24 -14.30 4.65
CA PRO B 256 10.86 -15.63 5.14
C PRO B 256 11.16 -16.80 4.19
N VAL B 257 11.76 -16.54 3.02
CA VAL B 257 12.27 -17.57 2.08
C VAL B 257 13.59 -18.11 2.65
N LYS B 258 13.58 -19.33 3.21
CA LYS B 258 14.71 -19.93 3.96
C LYS B 258 15.33 -21.07 3.16
N ILE B 259 16.65 -21.25 3.29
CA ILE B 259 17.43 -22.39 2.76
C ILE B 259 17.58 -23.42 3.89
N ASN B 260 16.98 -24.60 3.73
CA ASN B 260 17.06 -25.73 4.71
C ASN B 260 18.38 -26.46 4.47
N LEU B 261 19.42 -26.10 5.25
CA LEU B 261 20.80 -26.64 5.12
C LEU B 261 20.80 -28.17 5.35
N PHE B 262 19.89 -28.66 6.20
CA PHE B 262 19.71 -30.11 6.51
C PHE B 262 19.43 -30.88 5.21
N LYS B 263 18.71 -30.26 4.26
CA LYS B 263 18.40 -30.83 2.92
C LYS B 263 19.52 -30.44 1.94
N GLY B 272 19.14 -37.44 -5.34
CA GLY B 272 18.78 -36.69 -6.57
C GLY B 272 18.06 -35.38 -6.24
N ALA B 273 18.68 -34.54 -5.40
CA ALA B 273 18.15 -33.22 -4.97
C ALA B 273 18.82 -32.10 -5.77
N ASN B 274 18.09 -31.03 -6.03
CA ASN B 274 18.61 -29.77 -6.66
C ASN B 274 18.50 -28.65 -5.63
N TYR B 275 18.83 -27.41 -6.02
CA TYR B 275 18.86 -26.22 -5.13
C TYR B 275 17.42 -25.84 -4.71
N MET B 276 16.48 -25.89 -5.67
N MET B 276 16.48 -25.89 -5.66
CA MET B 276 15.05 -25.55 -5.46
CA MET B 276 15.05 -25.53 -5.42
C MET B 276 14.45 -26.41 -4.34
C MET B 276 14.44 -26.42 -4.33
N ASP B 277 14.91 -27.66 -4.20
CA ASP B 277 14.41 -28.64 -3.19
C ASP B 277 14.77 -28.20 -1.77
N CYS B 278 15.75 -27.30 -1.60
CA CYS B 278 16.29 -26.87 -0.28
C CYS B 278 15.49 -25.70 0.31
N PHE B 279 14.68 -25.01 -0.51
CA PHE B 279 13.95 -23.79 -0.09
C PHE B 279 12.66 -24.18 0.67
N GLU B 280 12.36 -23.43 1.74
CA GLU B 280 11.09 -23.51 2.49
C GLU B 280 10.71 -22.10 2.97
N SER B 281 9.44 -21.89 3.29
CA SER B 281 8.89 -20.59 3.76
C SER B 281 8.65 -20.64 5.26
N ASN B 282 9.25 -19.71 6.01
CA ASN B 282 8.96 -19.46 7.44
C ASN B 282 7.68 -18.62 7.51
N GLU B 283 6.61 -19.17 8.11
CA GLU B 283 5.24 -18.58 8.06
C GLU B 283 5.08 -17.45 9.08
N THR B 284 5.88 -17.43 10.16
CA THR B 284 5.63 -16.61 11.37
C THR B 284 6.58 -15.41 11.48
N MET B 285 7.78 -15.47 10.89
CA MET B 285 8.85 -14.46 11.14
C MET B 285 8.55 -13.13 10.42
N GLY B 286 7.80 -13.17 9.31
CA GLY B 286 7.62 -12.00 8.41
C GLY B 286 8.94 -11.59 7.79
N VAL B 287 9.20 -10.29 7.68
CA VAL B 287 10.47 -9.73 7.12
C VAL B 287 11.21 -8.97 8.22
N TRP B 288 12.49 -9.28 8.40
CA TRP B 288 13.44 -8.57 9.29
C TRP B 288 14.33 -7.68 8.43
N LEU B 289 14.35 -6.36 8.69
CA LEU B 289 15.25 -5.41 7.98
C LEU B 289 16.43 -5.10 8.90
N HIS B 290 17.63 -5.03 8.31
CA HIS B 290 18.93 -4.87 9.02
C HIS B 290 19.71 -3.71 8.40
N ILE B 291 20.32 -2.87 9.24
CA ILE B 291 21.23 -1.78 8.81
C ILE B 291 22.59 -2.00 9.49
N ALA B 292 23.66 -1.67 8.77
CA ALA B 292 25.05 -1.66 9.28
C ALA B 292 25.69 -0.33 8.93
N ASP B 293 26.46 0.24 9.85
CA ASP B 293 27.32 1.43 9.62
C ASP B 293 28.44 1.00 8.66
N LYS B 294 28.46 1.55 7.45
CA LYS B 294 29.40 1.17 6.36
C LYS B 294 30.83 1.57 6.75
N LYS B 295 31.01 2.80 7.24
CA LYS B 295 32.34 3.42 7.49
C LYS B 295 32.93 2.89 8.81
N ARG B 296 32.10 2.70 9.84
CA ARG B 296 32.53 2.16 11.16
C ARG B 296 32.48 0.63 11.14
N LYS B 297 31.98 0.03 10.05
CA LYS B 297 32.00 -1.43 9.79
C LYS B 297 31.37 -2.17 10.99
N LYS B 298 30.17 -1.75 11.40
N LYS B 298 30.17 -1.74 11.39
CA LYS B 298 29.49 -2.25 12.62
CA LYS B 298 29.47 -2.21 12.62
C LYS B 298 27.99 -2.44 12.33
C LYS B 298 27.98 -2.44 12.31
N TYR B 299 27.45 -3.60 12.72
CA TYR B 299 26.01 -3.91 12.68
C TYR B 299 25.29 -3.04 13.73
N ILE B 300 24.14 -2.46 13.37
CA ILE B 300 23.29 -1.65 14.28
C ILE B 300 22.12 -2.54 14.74
N ASN B 301 21.95 -2.69 16.05
CA ASN B 301 20.97 -3.62 16.67
C ASN B 301 19.60 -2.94 16.75
N ASN B 302 19.09 -2.47 15.62
CA ASN B 302 17.71 -1.93 15.46
C ASN B 302 16.84 -3.05 14.87
N LYS B 303 15.84 -3.51 15.63
CA LYS B 303 14.99 -4.67 15.25
C LYS B 303 13.81 -4.18 14.40
N TYR B 304 14.08 -3.87 13.13
CA TYR B 304 13.06 -3.49 12.12
C TYR B 304 12.30 -4.74 11.70
N ARG B 305 10.96 -4.70 11.76
CA ARG B 305 10.06 -5.83 11.47
C ARG B 305 8.90 -5.35 10.58
N THR B 306 8.45 -6.19 9.66
CA THR B 306 7.22 -5.95 8.87
C THR B 306 6.63 -7.28 8.40
N SER B 307 5.53 -7.21 7.63
N SER B 307 5.54 -7.20 7.63
CA SER B 307 4.75 -8.36 7.13
CA SER B 307 4.75 -8.35 7.12
C SER B 307 5.57 -9.13 6.09
C SER B 307 5.57 -9.14 6.09
N PRO B 308 5.23 -10.42 5.81
CA PRO B 308 6.01 -11.23 4.88
C PRO B 308 5.90 -10.80 3.41
N PHE B 309 7.03 -10.76 2.72
CA PHE B 309 7.12 -10.61 1.24
C PHE B 309 8.41 -11.28 0.75
N ASN B 310 8.41 -11.70 -0.52
CA ASN B 310 9.64 -12.03 -1.30
C ASN B 310 10.27 -10.71 -1.75
N LEU B 311 11.60 -10.62 -1.72
CA LEU B 311 12.38 -9.50 -2.30
C LEU B 311 13.51 -10.08 -3.15
N PHE B 312 13.59 -9.65 -4.41
CA PHE B 312 14.73 -9.95 -5.31
C PHE B 312 15.54 -8.66 -5.49
N HIS B 313 14.88 -7.57 -5.92
CA HIS B 313 15.56 -6.33 -6.37
C HIS B 313 15.20 -5.15 -5.47
N HIS B 314 16.20 -4.65 -4.73
CA HIS B 314 16.28 -3.25 -4.27
C HIS B 314 16.24 -2.33 -5.50
N ILE B 315 15.49 -1.24 -5.44
CA ILE B 315 15.47 -0.19 -6.52
C ILE B 315 16.61 0.79 -6.22
N ASN B 316 16.55 1.45 -5.07
CA ASN B 316 17.57 2.42 -4.60
C ASN B 316 17.38 2.62 -3.09
N THR B 317 18.43 3.05 -2.41
CA THR B 317 18.45 3.38 -0.97
C THR B 317 19.13 4.74 -0.81
N TYR B 318 18.65 5.60 0.09
CA TYR B 318 19.33 6.88 0.38
C TYR B 318 18.98 7.37 1.80
N GLU B 319 19.77 8.33 2.27
CA GLU B 319 19.65 8.96 3.61
C GLU B 319 18.86 10.25 3.46
N ASP B 320 17.84 10.43 4.31
CA ASP B 320 17.00 11.66 4.37
C ASP B 320 16.87 12.03 5.85
N HIS B 321 17.64 13.04 6.30
CA HIS B 321 17.81 13.41 7.72
C HIS B 321 18.21 12.14 8.49
N GLU B 322 17.51 11.78 9.57
CA GLU B 322 17.91 10.61 10.41
C GLU B 322 17.08 9.39 10.00
N PHE B 323 16.89 9.18 8.70
CA PHE B 323 16.06 8.08 8.12
C PHE B 323 16.73 7.51 6.86
N LEU B 324 16.63 6.19 6.69
CA LEU B 324 16.97 5.49 5.43
C LEU B 324 15.69 5.25 4.64
N ILE B 325 15.65 5.74 3.39
CA ILE B 325 14.57 5.50 2.40
C ILE B 325 14.95 4.23 1.63
N VAL B 326 14.13 3.18 1.74
CA VAL B 326 14.42 1.83 1.18
C VAL B 326 13.31 1.48 0.17
N ASP B 327 13.59 1.69 -1.12
CA ASP B 327 12.64 1.41 -2.23
C ASP B 327 12.89 -0.01 -2.73
N LEU B 328 11.85 -0.86 -2.70
CA LEU B 328 11.93 -2.32 -2.97
C LEU B 328 10.89 -2.72 -4.02
N CYS B 329 11.23 -3.70 -4.87
CA CYS B 329 10.28 -4.50 -5.67
C CYS B 329 9.87 -5.74 -4.85
N CYS B 330 8.68 -5.71 -4.25
CA CYS B 330 8.19 -6.75 -3.31
C CYS B 330 7.21 -7.69 -4.01
N TRP B 331 7.09 -8.91 -3.48
CA TRP B 331 6.04 -9.90 -3.81
C TRP B 331 5.31 -10.27 -2.52
N LYS B 332 4.03 -9.91 -2.40
CA LYS B 332 3.26 -10.00 -1.14
C LYS B 332 2.90 -11.47 -0.85
N GLY B 333 3.47 -12.01 0.23
CA GLY B 333 3.34 -13.43 0.64
C GLY B 333 4.69 -14.04 0.95
N PHE B 334 4.72 -15.23 1.57
CA PHE B 334 5.97 -15.91 1.97
C PHE B 334 6.27 -17.09 1.04
N GLU B 335 5.34 -17.50 0.17
CA GLU B 335 5.59 -18.54 -0.86
C GLU B 335 6.69 -18.03 -1.81
N PHE B 336 7.67 -18.88 -2.10
CA PHE B 336 8.82 -18.55 -2.98
C PHE B 336 8.31 -18.36 -4.41
N VAL B 337 8.54 -17.17 -4.98
CA VAL B 337 8.07 -16.76 -6.33
C VAL B 337 8.71 -17.68 -7.39
N TYR B 338 9.90 -18.21 -7.13
CA TYR B 338 10.66 -19.10 -8.05
C TYR B 338 9.87 -20.37 -8.35
N ASN B 339 8.94 -20.77 -7.48
CA ASN B 339 8.03 -21.93 -7.66
C ASN B 339 7.22 -21.78 -8.96
N TYR B 340 7.01 -20.54 -9.44
CA TYR B 340 6.17 -20.22 -10.61
C TYR B 340 7.01 -20.03 -11.88
N LEU B 341 8.32 -20.31 -11.82
CA LEU B 341 9.28 -19.99 -12.92
C LEU B 341 9.92 -21.26 -13.49
N TYR B 342 9.24 -22.40 -13.43
CA TYR B 342 9.62 -23.62 -14.18
C TYR B 342 9.27 -23.41 -15.65
N LEU B 343 10.16 -23.83 -16.56
CA LEU B 343 10.07 -23.58 -18.02
C LEU B 343 8.77 -24.16 -18.59
N ALA B 344 8.35 -25.32 -18.08
CA ALA B 344 7.10 -26.02 -18.46
C ALA B 344 5.91 -25.07 -18.30
N ASN B 345 5.90 -24.26 -17.23
CA ASN B 345 4.79 -23.34 -16.88
C ASN B 345 4.89 -22.07 -17.73
N LEU B 346 6.10 -21.54 -17.93
CA LEU B 346 6.36 -20.30 -18.71
C LEU B 346 6.14 -20.54 -20.21
N ARG B 347 6.18 -21.81 -20.65
CA ARG B 347 6.00 -22.19 -22.09
C ARG B 347 4.53 -22.53 -22.39
N GLU B 348 3.66 -22.60 -21.37
CA GLU B 348 2.22 -22.93 -21.55
C GLU B 348 1.54 -21.84 -22.38
N ASN B 349 0.37 -22.16 -22.94
CA ASN B 349 -0.50 -21.19 -23.67
C ASN B 349 -0.98 -20.13 -22.67
N TRP B 350 -1.41 -18.97 -23.19
CA TRP B 350 -1.62 -17.72 -22.40
C TRP B 350 -2.65 -17.93 -21.30
N GLU B 351 -3.78 -18.59 -21.60
CA GLU B 351 -4.88 -18.82 -20.62
C GLU B 351 -4.35 -19.65 -19.45
N GLU B 352 -3.45 -20.61 -19.71
CA GLU B 352 -2.85 -21.49 -18.68
C GLU B 352 -1.83 -20.69 -17.85
N VAL B 353 -1.05 -19.82 -18.50
CA VAL B 353 -0.05 -18.93 -17.84
C VAL B 353 -0.77 -18.05 -16.81
N LYS B 354 -1.90 -17.44 -17.21
CA LYS B 354 -2.71 -16.56 -16.33
C LYS B 354 -3.27 -17.37 -15.16
N LYS B 355 -3.82 -18.56 -15.44
CA LYS B 355 -4.41 -19.45 -14.41
C LYS B 355 -3.34 -19.87 -13.39
N ASN B 356 -2.11 -20.14 -13.85
CA ASN B 356 -0.98 -20.60 -13.01
C ASN B 356 -0.59 -19.52 -11.99
N ALA B 357 -0.79 -18.24 -12.32
CA ALA B 357 -0.34 -17.08 -11.51
C ALA B 357 -1.44 -16.60 -10.56
N ARG B 358 -2.63 -17.22 -10.57
CA ARG B 358 -3.82 -16.77 -9.81
C ARG B 358 -3.52 -16.72 -8.31
N LYS B 359 -2.80 -17.71 -7.77
CA LYS B 359 -2.54 -17.85 -6.31
C LYS B 359 -1.10 -17.43 -5.97
N ALA B 360 -0.37 -16.84 -6.92
CA ALA B 360 1.03 -16.38 -6.72
C ALA B 360 1.03 -15.14 -5.83
N PRO B 361 2.16 -14.85 -5.14
CA PRO B 361 2.34 -13.56 -4.47
C PRO B 361 2.11 -12.40 -5.46
N GLN B 362 1.53 -11.30 -4.98
CA GLN B 362 1.20 -10.10 -5.79
C GLN B 362 2.40 -9.15 -5.78
N PRO B 363 2.87 -8.68 -6.96
CA PRO B 363 3.99 -7.75 -7.01
C PRO B 363 3.55 -6.35 -6.54
N GLU B 364 4.45 -5.62 -5.90
CA GLU B 364 4.18 -4.26 -5.37
C GLU B 364 5.50 -3.53 -5.10
N VAL B 365 5.66 -2.34 -5.65
CA VAL B 365 6.80 -1.43 -5.33
C VAL B 365 6.47 -0.71 -4.02
N ARG B 366 7.32 -0.87 -3.02
CA ARG B 366 7.11 -0.31 -1.65
C ARG B 366 8.31 0.54 -1.25
N ARG B 367 8.03 1.69 -0.65
CA ARG B 367 9.01 2.56 0.06
C ARG B 367 8.87 2.29 1.56
N TYR B 368 9.92 1.73 2.17
CA TYR B 368 10.06 1.62 3.65
C TYR B 368 10.96 2.75 4.13
N VAL B 369 10.66 3.30 5.31
CA VAL B 369 11.47 4.38 5.95
C VAL B 369 11.93 3.86 7.31
N LEU B 370 13.24 3.70 7.48
CA LEU B 370 13.89 3.16 8.69
C LEU B 370 14.45 4.32 9.51
N PRO B 371 13.89 4.61 10.70
CA PRO B 371 14.47 5.62 11.59
C PRO B 371 15.82 5.14 12.15
N LEU B 372 16.82 6.02 12.15
CA LEU B 372 18.18 5.75 12.68
C LEU B 372 18.23 6.14 14.17
N ASN B 373 17.48 7.17 14.57
CA ASN B 373 17.40 7.67 15.96
C ASN B 373 16.13 7.12 16.63
N ILE B 374 16.29 6.14 17.53
CA ILE B 374 15.19 5.49 18.30
C ILE B 374 15.19 6.06 19.72
N ASP B 375 14.21 6.91 20.05
CA ASP B 375 14.01 7.51 21.39
C ASP B 375 12.91 6.73 22.14
N LYS B 376 13.26 6.15 23.29
CA LYS B 376 12.36 5.34 24.15
C LYS B 376 11.11 6.15 24.52
N ALA B 377 11.24 7.48 24.64
CA ALA B 377 10.15 8.41 24.97
C ALA B 377 9.03 8.36 23.91
N ASP B 378 9.33 7.88 22.71
CA ASP B 378 8.37 7.80 21.57
C ASP B 378 7.79 6.38 21.45
N THR B 379 7.99 5.51 22.46
CA THR B 379 7.43 4.14 22.48
C THR B 379 5.92 4.22 22.20
N GLY B 380 5.43 3.39 21.28
CA GLY B 380 4.00 3.27 20.91
C GLY B 380 3.61 4.23 19.80
N LYS B 381 4.54 5.06 19.31
CA LYS B 381 4.25 6.13 18.32
C LYS B 381 4.98 5.86 17.00
N ASN B 382 4.55 6.57 15.95
CA ASN B 382 5.17 6.57 14.60
C ASN B 382 6.40 7.49 14.63
N LEU B 383 7.59 6.95 14.34
CA LEU B 383 8.89 7.69 14.41
C LEU B 383 9.17 8.43 13.09
N VAL B 384 8.44 8.12 12.01
CA VAL B 384 8.70 8.69 10.65
C VAL B 384 8.07 10.09 10.59
N THR B 385 8.86 11.11 10.91
CA THR B 385 8.43 12.54 11.03
C THR B 385 8.65 13.27 9.70
N LEU B 386 9.17 12.58 8.67
CA LEU B 386 9.40 13.16 7.32
C LEU B 386 8.07 13.68 6.76
N PRO B 387 8.07 14.83 6.06
CA PRO B 387 6.84 15.45 5.60
C PRO B 387 6.24 14.92 4.28
N ASN B 388 6.98 14.06 3.56
CA ASN B 388 6.72 13.70 2.13
CA ASN B 388 6.62 13.71 2.15
C ASN B 388 6.47 12.19 2.00
N THR B 389 6.11 11.49 3.07
CA THR B 389 5.87 10.02 3.04
C THR B 389 4.69 9.64 3.93
N THR B 390 4.04 8.51 3.60
CA THR B 390 2.98 7.84 4.42
C THR B 390 3.54 6.56 5.04
N ALA B 391 4.82 6.25 4.80
CA ALA B 391 5.55 5.15 5.49
C ALA B 391 5.58 5.46 6.99
N THR B 392 5.40 4.43 7.82
CA THR B 392 5.40 4.55 9.30
C THR B 392 6.38 3.53 9.89
N ALA B 393 6.84 3.81 11.11
CA ALA B 393 7.73 2.95 11.92
C ALA B 393 7.33 3.07 13.38
N ILE B 394 6.64 2.07 13.92
CA ILE B 394 6.07 2.07 15.30
C ILE B 394 7.10 1.44 16.23
N LEU B 395 7.62 2.21 17.20
CA LEU B 395 8.49 1.70 18.29
C LEU B 395 7.62 0.97 19.31
N CYS B 396 7.81 -0.34 19.44
CA CYS B 396 7.07 -1.21 20.39
C CYS B 396 7.84 -1.29 21.71
N SER B 397 7.20 -1.84 22.75
N SER B 397 7.20 -1.83 22.75
CA SER B 397 7.75 -1.95 24.14
CA SER B 397 7.73 -1.96 24.13
C SER B 397 8.89 -2.98 24.18
C SER B 397 8.89 -2.96 24.15
N ASP B 398 8.83 -4.00 23.31
CA ASP B 398 9.89 -5.04 23.19
C ASP B 398 11.07 -4.51 22.34
N GLU B 399 10.98 -3.26 21.88
CA GLU B 399 12.05 -2.49 21.17
C GLU B 399 12.08 -2.85 19.67
N THR B 400 11.20 -3.75 19.21
CA THR B 400 10.98 -3.99 17.76
C THR B 400 10.37 -2.74 17.15
N ILE B 401 10.74 -2.43 15.91
CA ILE B 401 10.22 -1.25 15.14
C ILE B 401 9.38 -1.79 13.97
N TRP B 402 8.05 -1.72 14.10
CA TRP B 402 7.11 -2.25 13.08
C TRP B 402 6.97 -1.25 11.94
N LEU B 403 7.30 -1.66 10.71
CA LEU B 403 7.26 -0.79 9.50
C LEU B 403 5.98 -1.03 8.71
N GLU B 404 5.37 0.04 8.22
CA GLU B 404 4.35 0.02 7.14
C GLU B 404 4.94 0.77 5.94
N PRO B 405 4.77 0.25 4.70
CA PRO B 405 5.31 0.91 3.53
C PRO B 405 4.41 2.02 2.98
N GLU B 406 5.01 2.91 2.19
CA GLU B 406 4.31 3.74 1.19
C GLU B 406 4.36 2.99 -0.14
N VAL B 407 3.19 2.64 -0.70
CA VAL B 407 3.09 1.90 -1.98
C VAL B 407 3.29 2.90 -3.13
N LEU B 408 4.28 2.66 -3.99
CA LEU B 408 4.64 3.55 -5.12
C LEU B 408 3.98 3.07 -6.41
N PHE B 409 3.74 1.76 -6.54
CA PHE B 409 3.20 1.10 -7.75
C PHE B 409 2.60 -0.26 -7.36
N SER B 410 1.37 -0.52 -7.82
CA SER B 410 0.60 -1.77 -7.55
C SER B 410 -0.39 -2.04 -8.67
N GLY B 411 -0.15 -3.10 -9.46
CA GLY B 411 -1.04 -3.56 -10.55
C GLY B 411 -1.35 -5.05 -10.40
N PRO B 412 -2.61 -5.49 -10.62
CA PRO B 412 -2.98 -6.90 -10.44
C PRO B 412 -2.15 -7.86 -11.31
N ARG B 413 -1.22 -8.58 -10.68
CA ARG B 413 -0.29 -9.54 -11.33
C ARG B 413 0.50 -8.84 -12.44
N GLN B 414 0.72 -7.52 -12.29
N GLN B 414 0.70 -7.52 -12.31
CA GLN B 414 1.52 -6.66 -13.21
CA GLN B 414 1.54 -6.68 -13.22
C GLN B 414 2.70 -6.09 -12.42
C GLN B 414 2.69 -6.12 -12.41
N ALA B 415 3.87 -6.76 -12.49
CA ALA B 415 5.06 -6.42 -11.68
C ALA B 415 5.86 -5.31 -12.38
N PHE B 416 6.26 -4.30 -11.60
CA PHE B 416 7.40 -3.40 -11.92
C PHE B 416 8.66 -4.09 -11.36
N GLU B 417 9.42 -4.74 -12.24
CA GLU B 417 10.56 -5.62 -11.84
C GLU B 417 11.81 -5.25 -12.64
N PHE B 418 12.92 -5.94 -12.37
CA PHE B 418 14.27 -5.65 -12.94
C PHE B 418 14.48 -4.14 -12.92
N PRO B 419 14.41 -3.51 -11.73
CA PRO B 419 14.49 -2.06 -11.62
C PRO B 419 15.89 -1.54 -11.96
N GLN B 420 15.96 -0.38 -12.59
CA GLN B 420 17.21 0.33 -12.93
C GLN B 420 17.00 1.83 -12.69
N ILE B 421 18.06 2.54 -12.32
CA ILE B 421 18.07 4.01 -12.11
C ILE B 421 19.27 4.60 -12.86
N ASN B 422 19.42 5.92 -12.83
CA ASN B 422 20.68 6.64 -13.19
C ASN B 422 21.69 6.31 -12.07
N TYR B 423 22.28 5.11 -12.11
CA TYR B 423 23.01 4.49 -10.99
C TYR B 423 24.27 5.29 -10.65
N GLN B 424 25.06 5.67 -11.66
CA GLN B 424 26.39 6.31 -11.49
C GLN B 424 26.26 7.61 -10.68
N LYS B 425 25.17 8.38 -10.90
N LYS B 425 25.17 8.36 -10.90
CA LYS B 425 24.99 9.73 -10.30
CA LYS B 425 24.95 9.72 -10.35
C LYS B 425 23.98 9.70 -9.14
C LYS B 425 23.97 9.71 -9.16
N TYR B 426 23.02 8.76 -9.12
CA TYR B 426 21.90 8.77 -8.13
C TYR B 426 21.86 7.48 -7.28
N GLY B 427 22.73 6.50 -7.54
CA GLY B 427 22.85 5.29 -6.71
C GLY B 427 23.23 5.65 -5.28
N GLY B 428 22.41 5.26 -4.30
CA GLY B 428 22.66 5.51 -2.86
C GLY B 428 22.30 6.93 -2.44
N LYS B 429 21.65 7.70 -3.31
CA LYS B 429 21.40 9.16 -3.11
C LYS B 429 19.93 9.49 -3.38
N PRO B 430 19.42 10.62 -2.85
CA PRO B 430 18.08 11.10 -3.21
C PRO B 430 17.87 11.06 -4.73
N TYR B 431 16.72 10.55 -5.18
CA TYR B 431 16.42 10.29 -6.61
C TYR B 431 14.93 10.41 -6.85
N THR B 432 14.53 10.44 -8.13
CA THR B 432 13.14 10.68 -8.59
C THR B 432 12.64 9.53 -9.48
N TYR B 433 13.51 8.94 -10.30
CA TYR B 433 13.10 8.06 -11.44
C TYR B 433 13.69 6.66 -11.32
N ALA B 434 12.83 5.66 -11.51
CA ALA B 434 13.20 4.24 -11.70
C ALA B 434 12.61 3.75 -13.03
N TYR B 435 13.35 2.87 -13.71
CA TYR B 435 12.92 2.17 -14.95
C TYR B 435 12.79 0.69 -14.62
N GLY B 436 11.81 0.01 -15.22
CA GLY B 436 11.47 -1.38 -14.89
C GLY B 436 10.97 -2.15 -16.09
N LEU B 437 11.10 -3.48 -16.01
CA LEU B 437 10.42 -4.45 -16.90
C LEU B 437 9.07 -4.79 -16.29
N GLY B 438 7.99 -4.61 -17.05
CA GLY B 438 6.62 -4.97 -16.65
C GLY B 438 6.34 -6.43 -16.90
N LEU B 439 6.06 -7.20 -15.85
CA LEU B 439 5.73 -8.65 -15.95
C LEU B 439 4.21 -8.82 -15.86
N ASN B 440 3.62 -9.41 -16.90
CA ASN B 440 2.16 -9.72 -17.01
C ASN B 440 1.98 -11.22 -16.71
N HIS B 441 1.61 -11.55 -15.47
CA HIS B 441 1.56 -12.95 -14.95
C HIS B 441 2.93 -13.62 -15.21
N PHE B 442 4.02 -12.90 -14.91
CA PHE B 442 5.44 -13.35 -14.99
C PHE B 442 6.00 -13.24 -16.41
N VAL B 443 5.18 -12.90 -17.41
CA VAL B 443 5.62 -12.71 -18.83
C VAL B 443 5.99 -11.25 -19.05
N PRO B 444 7.25 -10.95 -19.43
CA PRO B 444 7.67 -9.56 -19.68
C PRO B 444 7.08 -9.04 -20.99
N ASP B 445 6.27 -7.98 -20.93
CA ASP B 445 5.48 -7.51 -22.10
C ASP B 445 5.42 -5.98 -22.23
N ARG B 446 6.19 -5.23 -21.43
N ARG B 446 6.19 -5.23 -21.43
CA ARG B 446 6.21 -3.74 -21.47
CA ARG B 446 6.21 -3.74 -21.47
C ARG B 446 7.40 -3.20 -20.69
C ARG B 446 7.40 -3.20 -20.69
N LEU B 447 7.79 -1.95 -20.97
CA LEU B 447 8.83 -1.20 -20.23
C LEU B 447 8.14 -0.05 -19.50
N CYS B 448 8.55 0.21 -18.26
CA CYS B 448 7.89 1.17 -17.33
C CYS B 448 8.91 2.17 -16.78
N LYS B 449 8.47 3.43 -16.61
CA LYS B 449 9.20 4.47 -15.86
C LYS B 449 8.30 4.91 -14.71
N LEU B 450 8.86 5.00 -13.50
CA LEU B 450 8.13 5.41 -12.28
C LEU B 450 8.81 6.65 -11.69
N ASN B 451 8.05 7.72 -11.47
CA ASN B 451 8.43 8.86 -10.60
C ASN B 451 8.10 8.44 -9.16
N VAL B 452 9.11 8.16 -8.34
CA VAL B 452 8.93 7.59 -6.97
C VAL B 452 8.42 8.67 -6.01
N LYS B 453 8.46 9.96 -6.39
CA LYS B 453 7.95 11.10 -5.58
C LYS B 453 6.45 11.34 -5.85
N THR B 454 6.04 11.33 -7.13
CA THR B 454 4.66 11.67 -7.57
C THR B 454 3.85 10.40 -7.89
N LYS B 455 4.53 9.28 -8.16
CA LYS B 455 3.94 7.96 -8.52
C LYS B 455 3.39 8.00 -9.96
N GLU B 456 3.69 9.05 -10.72
CA GLU B 456 3.39 9.11 -12.18
C GLU B 456 4.17 7.99 -12.88
N THR B 457 3.55 7.34 -13.86
CA THR B 457 4.17 6.24 -14.65
C THR B 457 4.12 6.59 -16.14
N TRP B 458 5.11 6.08 -16.89
CA TRP B 458 5.14 6.03 -18.37
C TRP B 458 5.28 4.56 -18.76
N VAL B 459 4.69 4.17 -19.88
CA VAL B 459 4.74 2.76 -20.39
C VAL B 459 5.08 2.78 -21.87
N TRP B 460 5.99 1.89 -22.28
CA TRP B 460 6.19 1.47 -23.69
C TRP B 460 5.73 0.01 -23.80
N GLN B 461 4.90 -0.28 -24.80
N GLN B 461 4.88 -0.29 -24.79
CA GLN B 461 4.36 -1.64 -25.07
CA GLN B 461 4.35 -1.65 -25.06
C GLN B 461 3.93 -1.74 -26.53
C GLN B 461 3.91 -1.75 -26.52
N GLU B 462 4.23 -2.87 -27.18
CA GLU B 462 3.74 -3.22 -28.54
C GLU B 462 3.24 -4.65 -28.51
N PRO B 463 2.12 -4.97 -29.19
CA PRO B 463 1.61 -6.34 -29.25
C PRO B 463 2.69 -7.33 -29.72
N ASP B 464 2.73 -8.51 -29.09
N ASP B 464 2.70 -8.53 -29.13
CA ASP B 464 3.60 -9.65 -29.49
CA ASP B 464 3.60 -9.65 -29.48
C ASP B 464 5.07 -9.24 -29.39
C ASP B 464 5.07 -9.20 -29.43
N SER B 465 5.40 -8.32 -28.47
CA SER B 465 6.80 -7.83 -28.23
C SER B 465 7.12 -7.98 -26.74
N TYR B 466 8.18 -8.73 -26.42
CA TYR B 466 8.55 -9.16 -25.06
C TYR B 466 9.94 -8.61 -24.72
N PRO B 467 10.02 -7.45 -24.04
CA PRO B 467 11.30 -6.79 -23.76
C PRO B 467 12.06 -7.40 -22.58
N SER B 468 13.29 -6.90 -22.37
CA SER B 468 14.20 -7.27 -21.25
C SER B 468 14.31 -6.07 -20.30
N GLU B 469 14.99 -6.28 -19.17
CA GLU B 469 15.38 -5.21 -18.22
C GLU B 469 15.85 -3.99 -19.01
N PRO B 470 15.32 -2.78 -18.75
CA PRO B 470 15.82 -1.55 -19.37
C PRO B 470 17.06 -1.05 -18.62
N ILE B 471 18.15 -0.76 -19.32
CA ILE B 471 19.39 -0.18 -18.72
C ILE B 471 19.52 1.28 -19.17
N PHE B 472 19.65 2.19 -18.20
CA PHE B 472 19.74 3.65 -18.44
C PHE B 472 21.18 4.03 -18.81
N VAL B 473 21.33 4.83 -19.86
CA VAL B 473 22.63 5.48 -20.26
C VAL B 473 22.40 7.00 -20.33
N SER B 474 23.11 7.76 -19.51
CA SER B 474 23.04 9.24 -19.43
C SER B 474 23.59 9.85 -20.74
N HIS B 475 22.94 10.92 -21.20
CA HIS B 475 23.49 11.88 -22.19
C HIS B 475 24.74 12.49 -21.57
N PRO B 476 25.89 12.56 -22.27
CA PRO B 476 27.14 13.05 -21.68
C PRO B 476 27.05 14.47 -21.11
N ASP B 477 26.11 15.29 -21.60
CA ASP B 477 25.88 16.69 -21.16
C ASP B 477 24.54 16.78 -20.42
N ALA B 478 24.14 15.71 -19.72
CA ALA B 478 22.89 15.62 -18.94
C ALA B 478 22.89 16.65 -17.81
N LEU B 479 21.80 17.41 -17.68
CA LEU B 479 21.53 18.34 -16.56
C LEU B 479 20.58 17.67 -15.56
N GLU B 480 19.54 17.01 -16.07
N GLU B 480 19.55 16.98 -16.07
CA GLU B 480 18.48 16.34 -15.25
CA GLU B 480 18.48 16.33 -15.28
C GLU B 480 18.87 14.87 -15.03
C GLU B 480 18.78 14.84 -15.11
N GLU B 481 18.17 14.21 -14.11
CA GLU B 481 18.37 12.78 -13.73
C GLU B 481 18.02 11.84 -14.89
N ASP B 482 17.03 12.20 -15.71
CA ASP B 482 16.46 11.32 -16.77
C ASP B 482 16.81 11.88 -18.17
N ASP B 483 17.90 12.64 -18.28
CA ASP B 483 18.48 13.09 -19.58
C ASP B 483 19.33 11.95 -20.13
N GLY B 484 18.74 11.11 -20.98
CA GLY B 484 19.43 9.96 -21.60
C GLY B 484 18.45 9.02 -22.26
N VAL B 485 18.87 7.76 -22.42
CA VAL B 485 18.06 6.69 -23.08
C VAL B 485 18.04 5.47 -22.16
N VAL B 486 17.08 4.56 -22.39
CA VAL B 486 17.12 3.18 -21.84
C VAL B 486 17.25 2.21 -23.01
N LEU B 487 18.07 1.17 -22.85
CA LEU B 487 18.29 0.10 -23.83
C LEU B 487 17.59 -1.18 -23.33
N SER B 488 16.82 -1.83 -24.19
CA SER B 488 16.13 -3.11 -23.90
C SER B 488 16.24 -4.03 -25.12
N VAL B 489 16.48 -5.33 -24.90
CA VAL B 489 16.49 -6.38 -25.95
C VAL B 489 15.07 -6.96 -26.02
N VAL B 490 14.44 -6.90 -27.20
CA VAL B 490 13.01 -7.25 -27.41
C VAL B 490 12.91 -8.46 -28.35
N VAL B 491 12.09 -9.45 -27.97
CA VAL B 491 11.69 -10.61 -28.82
C VAL B 491 10.33 -10.28 -29.45
N SER B 492 10.23 -10.41 -30.78
CA SER B 492 9.02 -10.07 -31.58
C SER B 492 8.81 -11.11 -32.69
N PRO B 493 8.47 -12.37 -32.33
CA PRO B 493 8.49 -13.47 -33.30
C PRO B 493 7.28 -13.56 -34.26
N GLY B 494 6.36 -12.59 -34.22
CA GLY B 494 5.21 -12.52 -35.13
C GLY B 494 5.64 -12.63 -36.59
N ALA B 495 4.93 -13.45 -37.38
CA ALA B 495 5.22 -13.73 -38.80
C ALA B 495 5.20 -12.42 -39.62
N GLY B 496 6.15 -12.28 -40.54
CA GLY B 496 6.33 -11.06 -41.36
C GLY B 496 6.99 -9.94 -40.57
N GLN B 497 7.81 -10.29 -39.57
CA GLN B 497 8.56 -9.32 -38.70
C GLN B 497 9.93 -9.92 -38.37
N LYS B 498 10.89 -9.06 -38.04
CA LYS B 498 12.24 -9.46 -37.53
C LYS B 498 12.06 -10.09 -36.15
N PRO B 499 12.69 -11.26 -35.89
CA PRO B 499 12.43 -12.03 -34.66
C PRO B 499 12.85 -11.36 -33.34
N ALA B 500 13.80 -10.42 -33.38
CA ALA B 500 14.32 -9.71 -32.18
C ALA B 500 14.97 -8.39 -32.59
N TYR B 501 15.08 -7.46 -31.65
CA TYR B 501 15.74 -6.14 -31.87
C TYR B 501 16.17 -5.51 -30.54
N LEU B 502 17.22 -4.68 -30.62
CA LEU B 502 17.63 -3.74 -29.54
C LEU B 502 16.72 -2.51 -29.65
N LEU B 503 16.01 -2.19 -28.57
CA LEU B 503 15.10 -1.01 -28.47
C LEU B 503 15.83 0.10 -27.72
N ILE B 504 15.82 1.32 -28.27
CA ILE B 504 16.31 2.56 -27.60
C ILE B 504 15.10 3.48 -27.38
N LEU B 505 14.78 3.76 -26.13
CA LEU B 505 13.71 4.72 -25.73
C LEU B 505 14.36 5.97 -25.13
N ASN B 506 13.75 7.13 -25.34
CA ASN B 506 14.05 8.39 -24.62
C ASN B 506 13.65 8.19 -23.16
N ALA B 507 14.57 8.40 -22.23
CA ALA B 507 14.37 8.18 -20.77
C ALA B 507 13.33 9.18 -20.23
N LYS B 508 13.13 10.32 -20.91
CA LYS B 508 12.17 11.38 -20.49
C LYS B 508 10.74 10.84 -20.43
N ASP B 509 10.27 10.21 -21.50
CA ASP B 509 8.84 9.82 -21.68
C ASP B 509 8.70 8.39 -22.22
N LEU B 510 9.80 7.62 -22.33
CA LEU B 510 9.85 6.26 -22.92
C LEU B 510 9.29 6.28 -24.35
N SER B 511 9.46 7.38 -25.09
CA SER B 511 9.16 7.47 -26.53
C SER B 511 10.29 6.78 -27.31
N GLU B 512 9.94 6.06 -28.37
CA GLU B 512 10.90 5.26 -29.17
C GLU B 512 11.85 6.20 -29.91
N VAL B 513 13.15 5.94 -29.81
CA VAL B 513 14.25 6.72 -30.46
C VAL B 513 14.77 5.93 -31.66
N ALA B 514 14.96 4.62 -31.50
CA ALA B 514 15.51 3.73 -32.55
C ALA B 514 15.30 2.26 -32.20
N ARG B 515 15.45 1.40 -33.21
CA ARG B 515 15.63 -0.08 -33.05
C ARG B 515 16.82 -0.53 -33.89
N ALA B 516 17.55 -1.53 -33.40
CA ALA B 516 18.57 -2.29 -34.16
C ALA B 516 18.08 -3.73 -34.31
N GLU B 517 17.52 -4.06 -35.47
CA GLU B 517 16.84 -5.35 -35.76
C GLU B 517 17.87 -6.40 -36.19
N VAL B 518 17.70 -7.64 -35.74
CA VAL B 518 18.49 -8.83 -36.14
C VAL B 518 17.51 -9.89 -36.67
N GLU B 519 18.01 -10.83 -37.48
CA GLU B 519 17.19 -11.85 -38.20
C GLU B 519 17.28 -13.20 -37.49
N ILE B 520 17.70 -13.22 -36.22
CA ILE B 520 17.81 -14.44 -35.37
C ILE B 520 17.11 -14.19 -34.03
N ASN B 521 16.66 -15.26 -33.37
CA ASN B 521 16.00 -15.20 -32.05
C ASN B 521 17.05 -14.81 -30.99
N ILE B 522 16.61 -14.14 -29.93
CA ILE B 522 17.42 -13.87 -28.71
C ILE B 522 16.60 -14.34 -27.50
N PRO B 523 17.06 -15.38 -26.75
CA PRO B 523 16.32 -15.84 -25.59
C PRO B 523 16.39 -14.83 -24.44
N VAL B 524 15.65 -15.09 -23.36
CA VAL B 524 15.53 -14.20 -22.17
C VAL B 524 16.94 -13.86 -21.66
N THR B 525 17.16 -12.59 -21.31
CA THR B 525 18.32 -12.11 -20.52
C THR B 525 17.81 -11.48 -19.23
N PHE B 526 18.57 -11.61 -18.14
CA PHE B 526 18.18 -11.13 -16.79
C PHE B 526 18.78 -9.74 -16.57
N HIS B 527 20.11 -9.67 -16.47
CA HIS B 527 20.85 -8.44 -16.08
C HIS B 527 22.05 -8.21 -17.01
N GLY B 528 22.63 -7.02 -16.91
CA GLY B 528 23.81 -6.61 -17.69
C GLY B 528 24.24 -5.20 -17.33
N LEU B 529 25.03 -4.59 -18.21
CA LEU B 529 25.56 -3.21 -18.04
C LEU B 529 25.84 -2.61 -19.42
N PHE B 530 25.94 -1.28 -19.48
CA PHE B 530 26.49 -0.54 -20.63
C PHE B 530 27.94 -0.16 -20.30
N LYS B 531 28.87 -0.65 -21.12
CA LYS B 531 30.33 -0.37 -21.02
C LYS B 531 30.66 0.74 -22.03
N LYS B 532 30.87 1.97 -21.55
CA LYS B 532 31.20 3.15 -22.40
C LYS B 532 32.62 3.00 -22.94
N SER B 533 32.84 3.33 -24.22
CA SER B 533 34.15 3.33 -24.91
C SER B 533 34.39 4.68 -25.58
FE FE2 C . -17.98 8.54 12.49
C1 PLM D . -16.70 10.71 14.44
C1 PLM D . -17.54 10.60 14.56
O1 PLM D . -17.15 10.59 15.59
O1 PLM D . -17.61 11.02 15.73
O2 PLM D . -16.86 9.86 13.53
O2 PLM D . -18.29 9.71 14.10
C2 PLM D . -15.91 11.97 14.11
C2 PLM D . -16.46 11.17 13.66
C3 PLM D . -14.43 11.76 14.03
C3 PLM D . -15.09 11.16 14.24
C4 PLM D . -14.01 10.37 14.43
C4 PLM D . -14.41 9.80 14.09
C5 PLM D . -12.64 9.96 13.94
C5 PLM D . -12.93 9.90 13.83
C6 PLM D . -12.42 10.19 12.46
C6 PLM D . -12.56 10.17 12.39
C7 PLM D . -10.97 10.25 12.06
C7 PLM D . -11.08 10.31 12.15
C8 PLM D . -10.27 11.50 12.54
C8 PLM D . -10.46 11.53 12.80
C9 PLM D . -11.15 12.72 12.57
C9 PLM D . -11.24 12.80 12.59
CA PLM D . -10.41 14.01 12.85
CA PLM D . -10.44 14.05 12.80
CB PLM D . -11.26 15.24 12.74
CB PLM D . -11.21 15.33 12.56
CC PLM D . -10.75 16.42 13.51
CC PLM D . -10.94 16.40 13.58
CD PLM D . -11.40 17.72 13.16
CD PLM D . -11.94 17.53 13.58
CE PLM D . -12.29 17.64 11.93
CE PLM D . -12.23 18.09 12.21
CF PLM D . -13.43 16.68 12.05
CF PLM D . -13.61 17.77 11.69
CG PLM D . -14.59 16.99 11.13
CG PLM D . -13.60 16.85 10.50
C1 W9A E . -16.70 9.32 20.37
C2 W9A E . -17.97 9.79 21.07
C4 W9A E . -18.47 10.09 23.52
C6 W9A E . -18.57 8.24 25.01
C7 W9A E . -18.22 7.38 24.00
C8 W9A E . -17.20 5.19 23.77
C9 W9A E . -17.24 3.87 24.50
C10 W9A E . -16.69 4.00 25.92
C11 W9A E . -15.18 4.12 26.02
C12 W9A E . -14.66 3.90 27.42
C14 W9A E . -18.72 1.77 24.73
F W9A E . -18.81 7.75 26.24
C5 W9A E . -18.69 9.60 24.80
O1 W9A E . -18.19 6.05 24.35
C13 W9A E . -18.65 3.27 24.50
C15 W9A E . -19.89 1.35 25.59
C16 W9A E . -17.99 7.89 22.73
C3 W9A E . -18.13 9.25 22.48
O W9A E . -19.09 9.47 20.27
C W9A E . -16.51 9.98 19.01
N W9A E . -17.43 9.48 17.99
FE FE2 F . 18.30 -10.10 -10.23
C1 PLM G . 17.22 -12.34 -11.53
C1 PLM G . 17.79 -12.65 -11.51
O1 PLM G . 18.35 -12.85 -11.47
O1 PLM G . 17.97 -13.88 -11.60
O2 PLM G . 16.88 -11.36 -10.86
O2 PLM G . 18.68 -11.85 -11.12
C2 PLM G . 16.20 -12.97 -12.47
C2 PLM G . 16.43 -12.09 -11.89
C3 PLM G . 14.81 -13.05 -11.92
C3 PLM G . 15.28 -12.93 -11.45
C4 PLM G . 14.80 -13.14 -10.40
C4 PLM G . 14.79 -12.58 -10.06
C5 PLM G . 13.46 -12.83 -9.78
C5 PLM G . 13.30 -12.72 -9.88
C6 PLM G . 12.89 -11.49 -10.17
C6 PLM G . 12.52 -11.53 -10.39
C7 PLM G . 11.39 -11.43 -10.12
C7 PLM G . 11.03 -11.66 -10.22
C8 PLM G . 10.70 -12.55 -10.87
C8 PLM G . 10.38 -12.63 -11.16
C9 PLM G . 11.05 -12.59 -12.33
C9 PLM G . 10.97 -12.64 -12.55
CA PLM G . 10.18 -13.51 -13.14
CA PLM G . 10.20 -13.45 -13.55
CB PLM G . 10.30 -13.33 -14.63
CB PLM G . 10.72 -13.35 -14.96
CC PLM G . 10.04 -14.57 -15.43
CC PLM G . 10.42 -14.56 -15.81
CD PLM G . 10.38 -14.44 -16.90
CD PLM G . 11.22 -14.64 -17.08
CE PLM G . 11.04 -13.13 -17.26
CE PLM G . 11.03 -13.47 -18.00
CF PLM G . 12.46 -13.00 -16.81
CF PLM G . 12.16 -12.47 -17.99
CG PLM G . 13.21 -11.85 -17.46
CG PLM G . 11.85 -11.23 -17.18
C1 W9A H . 19.02 -18.03 -9.02
C2 W9A H . 20.30 -18.56 -9.65
C4 W9A H . 21.42 -20.81 -9.55
C6 W9A H . 22.28 -21.70 -7.53
C7 W9A H . 21.81 -20.60 -6.82
C8 W9A H . 21.11 -19.95 -4.60
C9 W9A H . 21.45 -20.28 -3.16
C10 W9A H . 21.46 -21.80 -2.85
C11 W9A H . 20.09 -22.40 -2.59
C12 W9A H . 20.17 -23.79 -2.02
C14 W9A H . 24.05 -20.30 -3.02
F W9A H . 22.93 -22.66 -6.86
C5 W9A H . 22.08 -21.83 -8.87
O1 W9A H . 22.05 -20.61 -5.47
C13 W9A H . 22.74 -19.59 -2.69
C15 W9A H . 25.05 -20.21 -1.90
C16 W9A H . 21.15 -19.59 -7.51
C3 W9A H . 20.96 -19.69 -8.89
O W9A H . 21.20 -17.48 -9.85
C W9A H . 18.34 -16.98 -9.88
N W9A H . 18.98 -15.67 -9.83
#